data_5Y2Q
#
_entry.id   5Y2Q
#
_cell.length_a   68.185
_cell.length_b   77.156
_cell.length_c   222.010
_cell.angle_alpha   90.000
_cell.angle_beta   90.000
_cell.angle_gamma   90.000
#
_symmetry.space_group_name_H-M   'P 21 21 21'
#
loop_
_entity.id
_entity.type
_entity.pdbx_description
1 polymer 'Acetylcholine-binding protein'
2 non-polymer 3-[[4-[(3,4-dichlorophenyl)methyl]piperidin-4-yl]methoxy]pyridine
3 water water
#
_entity_poly.entity_id   1
_entity_poly.type   'polypeptide(L)'
_entity_poly.pdbx_seq_one_letter_code
;VEFDRADILYNIRQTSRPDVIPTQRDRPVAVSVSLKFINILEVNEITNEVDVVFWQQTTWSDRTLAWNSSHSPDQVSVPI
SSLWVPDLAAYNAISKPEVLTPQLARVVSDGEVLYMPSIRQRFSCDVSGVDTESGATCRIKIGSWTHHSREISVDPTTEN
SDDSEYFSQYSRFEILDVTQKKNSVTYSCCPEAYEDVEVSLNFRKKGRSEIL
;
_entity_poly.pdbx_strand_id   D,A,B,C,E
#
loop_
_chem_comp.id
_chem_comp.type
_chem_comp.name
_chem_comp.formula
8L3 non-polymer 3-[[4-[(3,4-dichlorophenyl)methyl]piperidin-4-yl]methoxy]pyridine 'C18 H20 Cl2 N2 O'
#
# COMPACT_ATOMS: atom_id res chain seq x y z
N ASP A 4 1.78 -35.33 -9.60
CA ASP A 4 2.35 -34.14 -10.27
C ASP A 4 2.32 -32.91 -9.36
N ARG A 5 2.69 -31.76 -9.91
CA ARG A 5 2.82 -30.57 -9.11
C ARG A 5 1.45 -30.07 -8.64
N ALA A 6 0.48 -30.12 -9.54
CA ALA A 6 -0.88 -29.71 -9.23
C ALA A 6 -1.45 -30.56 -8.09
N ASP A 7 -1.13 -31.85 -8.09
CA ASP A 7 -1.59 -32.74 -7.03
C ASP A 7 -0.92 -32.42 -5.70
N ILE A 8 0.39 -32.25 -5.72
CA ILE A 8 1.12 -32.00 -4.51
C ILE A 8 0.59 -30.73 -3.85
N LEU A 9 0.41 -29.67 -4.65
CA LEU A 9 -0.13 -28.44 -4.08
C LEU A 9 -1.57 -28.67 -3.59
N TYR A 10 -2.34 -29.50 -4.29
CA TYR A 10 -3.70 -29.79 -3.82
C TYR A 10 -3.69 -30.41 -2.41
N ASN A 11 -2.85 -31.44 -2.20
CA ASN A 11 -2.77 -32.10 -0.90
C ASN A 11 -2.27 -31.18 0.20
N ILE A 12 -1.28 -30.36 -0.16
CA ILE A 12 -0.75 -29.32 0.72
C ILE A 12 -1.86 -28.39 1.19
N ARG A 13 -2.67 -27.89 0.27
CA ARG A 13 -3.81 -27.06 0.69
C ARG A 13 -4.85 -27.83 1.50
N GLN A 14 -4.96 -29.14 1.27
CA GLN A 14 -5.91 -29.90 2.05
C GLN A 14 -5.49 -29.92 3.51
N THR A 15 -4.19 -30.00 3.77
CA THR A 15 -3.75 -30.19 5.16
C THR A 15 -3.06 -29.01 5.87
N SER A 16 -2.50 -28.07 5.11
CA SER A 16 -1.77 -26.94 5.73
C SER A 16 -2.66 -25.86 6.35
N ARG A 17 -2.31 -25.43 7.55
CA ARG A 17 -2.99 -24.33 8.22
C ARG A 17 -2.03 -23.20 8.57
N PRO A 18 -2.08 -22.09 7.82
CA PRO A 18 -1.11 -20.99 7.97
C PRO A 18 -1.15 -20.34 9.36
N ASP A 19 -2.22 -20.50 10.13
CA ASP A 19 -2.23 -19.85 11.42
C ASP A 19 -1.82 -20.80 12.53
N VAL A 20 -1.45 -22.02 12.15
CA VAL A 20 -1.11 -23.03 13.13
C VAL A 20 0.34 -23.47 13.04
N ILE A 21 1.07 -23.22 14.10
CA ILE A 21 2.47 -23.58 14.15
C ILE A 21 2.54 -25.11 14.12
N PRO A 22 3.37 -25.68 13.23
CA PRO A 22 3.37 -27.14 13.07
C PRO A 22 4.30 -27.85 14.08
N THR A 23 3.97 -27.68 15.35
CA THR A 23 4.68 -28.31 16.45
C THR A 23 4.38 -29.80 16.50
N GLN A 24 5.41 -30.60 16.62
CA GLN A 24 5.22 -32.03 16.68
C GLN A 24 5.52 -32.56 18.08
N ARG A 25 4.60 -33.32 18.66
CA ARG A 25 4.82 -33.93 19.98
C ARG A 25 5.17 -32.94 21.11
N ASP A 26 4.48 -31.80 21.17
CA ASP A 26 4.73 -30.78 22.20
C ASP A 26 6.13 -30.15 22.19
N ARG A 27 6.92 -30.44 21.15
CA ARG A 27 8.23 -29.80 21.05
C ARG A 27 8.26 -28.52 20.19
N PRO A 28 9.34 -27.73 20.31
CA PRO A 28 9.28 -26.48 19.54
C PRO A 28 9.58 -26.74 18.08
N VAL A 29 9.17 -25.80 17.23
CA VAL A 29 9.56 -25.79 15.81
C VAL A 29 10.96 -25.21 15.72
N ALA A 30 11.86 -25.97 15.11
CA ALA A 30 13.25 -25.56 14.95
C ALA A 30 13.44 -24.74 13.65
N VAL A 31 13.61 -23.45 13.79
CA VAL A 31 13.78 -22.56 12.64
C VAL A 31 15.24 -22.18 12.44
N SER A 32 15.75 -22.39 11.24
CA SER A 32 17.09 -21.90 10.92
C SER A 32 16.95 -20.60 10.14
N VAL A 33 17.69 -19.59 10.57
CA VAL A 33 17.66 -18.28 9.92
C VAL A 33 19.07 -17.83 9.62
N SER A 34 19.29 -17.37 8.40
CA SER A 34 20.58 -16.85 7.97
C SER A 34 20.40 -15.61 7.04
N LEU A 35 20.99 -14.49 7.42
CA LEU A 35 20.89 -13.32 6.60
C LEU A 35 22.08 -13.26 5.64
N LYS A 36 21.79 -13.17 4.35
CA LYS A 36 22.83 -13.00 3.33
C LYS A 36 22.76 -11.59 2.82
N PHE A 37 23.70 -10.77 3.23
CA PHE A 37 23.65 -9.37 2.86
C PHE A 37 24.03 -9.23 1.39
N ILE A 38 23.28 -8.37 0.69
CA ILE A 38 23.47 -8.10 -0.75
C ILE A 38 23.92 -6.65 -0.97
N ASN A 39 23.43 -5.73 -0.15
CA ASN A 39 23.84 -4.34 -0.28
C ASN A 39 23.63 -3.51 0.97
N ILE A 40 24.44 -2.46 1.10
CA ILE A 40 24.28 -1.46 2.15
C ILE A 40 24.08 -0.09 1.48
N LEU A 41 22.94 0.51 1.75
CA LEU A 41 22.47 1.61 0.92
C LEU A 41 22.76 2.93 1.62
N GLU A 42 22.45 3.00 2.90
CA GLU A 42 22.67 4.23 3.65
C GLU A 42 23.20 3.94 5.04
N VAL A 43 24.09 4.80 5.51
CA VAL A 43 24.71 4.67 6.80
C VAL A 43 24.78 6.07 7.40
N ASN A 44 24.37 6.21 8.64
CA ASN A 44 24.36 7.52 9.28
C ASN A 44 24.97 7.40 10.65
N GLU A 45 26.19 7.87 10.76
CA GLU A 45 26.97 7.68 11.96
C GLU A 45 26.48 8.60 13.07
N ILE A 46 25.81 9.67 12.71
CA ILE A 46 25.28 10.56 13.73
C ILE A 46 24.04 9.95 14.38
N THR A 47 23.14 9.42 13.56
CA THR A 47 21.90 8.88 14.10
C THR A 47 22.03 7.39 14.43
N ASN A 48 23.12 6.75 13.98
CA ASN A 48 23.33 5.29 14.18
C ASN A 48 22.22 4.48 13.52
N GLU A 49 22.04 4.69 12.23
CA GLU A 49 21.01 4.01 11.46
C GLU A 49 21.62 3.44 10.17
N VAL A 50 21.13 2.29 9.72
CA VAL A 50 21.58 1.73 8.45
C VAL A 50 20.38 1.27 7.59
N ASP A 51 20.55 1.35 6.28
CA ASP A 51 19.58 0.88 5.29
C ASP A 51 20.22 -0.29 4.55
N VAL A 52 19.64 -1.47 4.69
CA VAL A 52 20.29 -2.67 4.20
C VAL A 52 19.37 -3.52 3.31
N VAL A 53 19.96 -4.23 2.35
CA VAL A 53 19.25 -5.27 1.59
C VAL A 53 19.86 -6.64 1.88
N PHE A 54 19.04 -7.62 2.24
CA PHE A 54 19.55 -8.95 2.53
C PHE A 54 18.58 -10.04 2.14
N TRP A 55 19.09 -11.23 1.82
CA TRP A 55 18.29 -12.43 1.63
C TRP A 55 18.10 -13.13 2.97
N GLN A 56 16.86 -13.33 3.37
CA GLN A 56 16.62 -13.95 4.65
C GLN A 56 16.37 -15.46 4.48
N GLN A 57 17.43 -16.26 4.46
CA GLN A 57 17.28 -17.71 4.34
C GLN A 57 16.59 -18.25 5.60
N THR A 58 15.39 -18.79 5.42
CA THR A 58 14.61 -19.28 6.52
C THR A 58 14.18 -20.71 6.23
N THR A 59 14.54 -21.65 7.09
CA THR A 59 14.12 -23.05 6.88
C THR A 59 13.51 -23.62 8.13
N TRP A 60 12.56 -24.53 7.93
CA TRP A 60 11.94 -25.25 9.05
C TRP A 60 11.27 -26.46 8.49
N SER A 61 10.78 -27.33 9.37
CA SER A 61 10.14 -28.55 8.96
C SER A 61 8.65 -28.55 9.29
N ASP A 62 7.85 -29.04 8.37
CA ASP A 62 6.42 -29.17 8.59
C ASP A 62 6.01 -30.52 8.03
N ARG A 63 5.90 -31.53 8.90
CA ARG A 63 5.68 -32.88 8.39
C ARG A 63 4.28 -33.13 7.81
N THR A 64 3.35 -32.22 8.04
CA THR A 64 2.00 -32.41 7.49
C THR A 64 1.96 -32.20 5.96
N LEU A 65 3.05 -31.71 5.39
CA LEU A 65 3.10 -31.41 3.95
C LEU A 65 3.76 -32.54 3.16
N ALA A 66 4.35 -33.48 3.88
CA ALA A 66 5.16 -34.52 3.24
C ALA A 66 4.35 -35.39 2.30
N TRP A 67 5.00 -35.87 1.26
CA TRP A 67 4.37 -36.77 0.33
C TRP A 67 5.44 -37.70 -0.21
N ASN A 68 4.99 -38.83 -0.73
CA ASN A 68 5.89 -39.78 -1.35
C ASN A 68 6.27 -39.30 -2.75
N SER A 69 7.57 -39.11 -2.99
CA SER A 69 8.01 -38.55 -4.26
C SER A 69 8.69 -39.58 -5.15
N SER A 70 8.34 -40.85 -4.97
CA SER A 70 8.89 -41.93 -5.79
C SER A 70 8.50 -41.69 -7.24
N HIS A 71 7.22 -41.35 -7.46
CA HIS A 71 6.77 -41.04 -8.81
C HIS A 71 6.20 -39.62 -8.89
N SER A 72 6.88 -38.69 -8.24
CA SER A 72 6.50 -37.27 -8.24
C SER A 72 7.75 -36.38 -8.23
N PRO A 73 7.58 -35.06 -8.43
CA PRO A 73 8.72 -34.14 -8.20
C PRO A 73 9.11 -34.10 -6.71
N ASP A 74 10.37 -33.84 -6.43
CA ASP A 74 10.80 -33.85 -5.04
C ASP A 74 10.80 -32.46 -4.38
N GLN A 75 10.50 -31.41 -5.16
CA GLN A 75 10.46 -30.05 -4.64
C GLN A 75 9.37 -29.26 -5.37
N VAL A 76 8.66 -28.40 -4.65
CA VAL A 76 7.71 -27.50 -5.29
C VAL A 76 7.72 -26.10 -4.69
N SER A 77 7.30 -25.12 -5.49
CA SER A 77 7.13 -23.74 -5.06
C SER A 77 5.67 -23.43 -4.73
N VAL A 78 5.46 -22.76 -3.61
CA VAL A 78 4.11 -22.58 -3.08
C VAL A 78 3.95 -21.16 -2.55
N PRO A 79 2.80 -20.52 -2.81
CA PRO A 79 2.57 -19.21 -2.20
C PRO A 79 2.68 -19.31 -0.68
N ILE A 80 3.32 -18.36 -0.01
CA ILE A 80 3.49 -18.50 1.42
C ILE A 80 2.15 -18.31 2.11
N SER A 81 1.17 -17.74 1.38
CA SER A 81 -0.17 -17.55 1.96
C SER A 81 -0.87 -18.90 2.20
N SER A 82 -0.32 -19.96 1.60
CA SER A 82 -0.80 -21.32 1.84
C SER A 82 -0.04 -22.06 2.95
N LEU A 83 0.93 -21.40 3.55
CA LEU A 83 1.80 -22.04 4.54
C LEU A 83 1.86 -21.27 5.83
N TRP A 84 2.13 -22.00 6.91
CA TRP A 84 2.54 -21.36 8.13
C TRP A 84 3.97 -20.93 7.92
N VAL A 85 4.28 -19.69 8.30
CA VAL A 85 5.66 -19.25 8.27
C VAL A 85 5.94 -18.64 9.62
N PRO A 86 7.18 -18.73 10.10
CA PRO A 86 7.51 -18.17 11.40
C PRO A 86 7.32 -16.63 11.46
N ASP A 87 6.84 -16.11 12.59
CA ASP A 87 6.62 -14.67 12.76
C ASP A 87 7.90 -13.95 13.18
N LEU A 88 8.93 -14.05 12.37
CA LEU A 88 10.23 -13.45 12.69
C LEU A 88 10.14 -11.93 12.63
N ALA A 89 10.88 -11.28 13.53
CA ALA A 89 11.02 -9.83 13.58
C ALA A 89 12.40 -9.50 14.10
N ALA A 90 12.96 -8.41 13.60
CA ALA A 90 14.22 -7.86 14.08
C ALA A 90 13.90 -6.87 15.18
N TYR A 91 14.51 -7.06 16.33
CA TYR A 91 14.13 -6.32 17.50
C TYR A 91 14.54 -4.84 17.40
N ASN A 92 15.55 -4.56 16.58
CA ASN A 92 16.01 -3.19 16.38
C ASN A 92 15.67 -2.62 15.00
N ALA A 93 14.65 -3.18 14.34
CA ALA A 93 14.15 -2.61 13.08
C ALA A 93 13.49 -1.25 13.31
N ILE A 94 13.68 -0.31 12.38
CA ILE A 94 13.02 0.98 12.54
C ILE A 94 12.20 1.32 11.32
N SER A 95 12.07 0.34 10.43
CA SER A 95 11.16 0.42 9.29
C SER A 95 10.48 -0.93 9.12
N LYS A 96 9.34 -0.96 8.42
CA LYS A 96 8.72 -2.22 8.03
C LYS A 96 9.60 -3.05 7.05
N PRO A 97 9.69 -4.38 7.26
CA PRO A 97 10.40 -5.14 6.22
C PRO A 97 9.72 -5.03 4.86
N GLU A 98 10.49 -4.61 3.86
CA GLU A 98 10.00 -4.48 2.51
C GLU A 98 10.50 -5.65 1.65
N VAL A 99 9.59 -6.56 1.30
CA VAL A 99 9.94 -7.72 0.50
C VAL A 99 9.99 -7.43 -1.00
N LEU A 100 11.15 -7.67 -1.63
CA LEU A 100 11.34 -7.26 -3.00
C LEU A 100 11.04 -8.37 -3.99
N THR A 101 10.94 -9.58 -3.48
CA THR A 101 10.89 -10.77 -4.32
C THR A 101 9.52 -11.46 -4.27
N PRO A 102 9.24 -12.34 -5.26
CA PRO A 102 7.99 -13.09 -5.18
C PRO A 102 7.88 -13.84 -3.84
N GLN A 103 6.73 -13.77 -3.17
CA GLN A 103 6.64 -14.34 -1.83
C GLN A 103 6.27 -15.82 -1.94
N LEU A 104 7.25 -16.59 -2.40
CA LEU A 104 7.06 -18.00 -2.64
C LEU A 104 8.04 -18.77 -1.82
N ALA A 105 7.56 -19.87 -1.22
CA ALA A 105 8.40 -20.76 -0.45
C ALA A 105 8.70 -22.00 -1.23
N ARG A 106 9.80 -22.64 -0.90
CA ARG A 106 10.13 -23.91 -1.48
C ARG A 106 9.81 -25.06 -0.45
N VAL A 107 9.04 -26.06 -0.90
CA VAL A 107 8.66 -27.19 -0.06
C VAL A 107 9.24 -28.49 -0.65
N VAL A 108 10.03 -29.19 0.17
CA VAL A 108 10.64 -30.46 -0.21
C VAL A 108 9.72 -31.62 0.18
N SER A 109 9.86 -32.74 -0.50
CA SER A 109 8.96 -33.87 -0.34
C SER A 109 8.91 -34.46 1.08
N ASP A 110 9.95 -34.22 1.87
CA ASP A 110 9.95 -34.67 3.26
C ASP A 110 9.35 -33.65 4.25
N GLY A 111 8.86 -32.53 3.74
CA GLY A 111 8.18 -31.53 4.54
C GLY A 111 9.05 -30.37 4.98
N GLU A 112 10.26 -30.31 4.43
CA GLU A 112 11.17 -29.20 4.66
C GLU A 112 10.81 -27.95 3.81
N VAL A 113 10.71 -26.81 4.48
CA VAL A 113 10.34 -25.56 3.86
C VAL A 113 11.49 -24.57 3.88
N LEU A 114 11.77 -24.01 2.70
CA LEU A 114 12.73 -22.93 2.50
C LEU A 114 12.04 -21.67 1.94
N TYR A 115 12.12 -20.60 2.73
CA TYR A 115 11.59 -19.30 2.35
C TYR A 115 12.68 -18.28 2.53
N MET A 116 13.10 -17.70 1.41
CA MET A 116 14.12 -16.69 1.49
C MET A 116 13.72 -15.48 0.69
N PRO A 117 12.94 -14.60 1.32
CA PRO A 117 12.66 -13.30 0.71
C PRO A 117 13.90 -12.42 0.69
N SER A 118 14.02 -11.60 -0.35
CA SER A 118 14.92 -10.45 -0.36
C SER A 118 14.24 -9.25 0.29
N ILE A 119 14.90 -8.65 1.26
CA ILE A 119 14.32 -7.64 2.12
C ILE A 119 15.17 -6.38 2.23
N ARG A 120 14.53 -5.22 2.10
CA ARG A 120 15.16 -3.93 2.40
C ARG A 120 14.59 -3.39 3.71
N GLN A 121 15.46 -3.03 4.63
CA GLN A 121 15.01 -2.62 5.96
C GLN A 121 16.00 -1.70 6.63
N ARG A 122 15.49 -0.86 7.52
CA ARG A 122 16.32 0.08 8.24
C ARG A 122 16.44 -0.31 9.70
N PHE A 123 17.66 -0.22 10.23
CA PHE A 123 17.92 -0.65 11.60
C PHE A 123 18.63 0.44 12.40
N SER A 124 18.40 0.42 13.71
CA SER A 124 19.16 1.21 14.66
C SER A 124 20.30 0.36 15.20
N CYS A 125 21.54 0.80 15.00
CA CYS A 125 22.68 0.01 15.47
C CYS A 125 23.94 0.84 15.47
N ASP A 126 24.99 0.28 16.03
CA ASP A 126 26.24 0.99 16.22
C ASP A 126 26.94 1.20 14.89
N VAL A 127 26.96 2.44 14.41
CA VAL A 127 27.56 2.73 13.10
C VAL A 127 29.00 3.24 13.26
N SER A 128 29.42 3.51 14.49
CA SER A 128 30.75 4.06 14.77
C SER A 128 31.90 3.18 14.28
N GLY A 129 32.84 3.83 13.59
CA GLY A 129 34.05 3.17 13.15
C GLY A 129 33.93 2.72 11.71
N VAL A 130 32.79 3.03 11.10
CA VAL A 130 32.51 2.57 9.74
C VAL A 130 33.45 3.22 8.69
N ASP A 131 33.99 4.40 9.01
CA ASP A 131 34.91 5.08 8.09
C ASP A 131 36.35 4.78 8.43
N THR A 132 36.54 3.84 9.34
CA THR A 132 37.87 3.41 9.73
C THR A 132 38.13 2.06 9.08
N GLU A 133 39.22 1.42 9.46
CA GLU A 133 39.54 0.19 8.78
C GLU A 133 39.25 -1.04 9.63
N SER A 134 39.07 -0.83 10.92
CA SER A 134 38.48 -1.87 11.77
C SER A 134 37.02 -2.04 11.35
N GLY A 135 36.46 -0.98 10.78
CA GLY A 135 35.07 -0.99 10.33
C GLY A 135 34.08 -0.72 11.45
N ALA A 136 32.80 -0.70 11.07
CA ALA A 136 31.72 -0.70 12.03
C ALA A 136 31.20 -2.12 12.29
N THR A 137 30.61 -2.32 13.47
CA THR A 137 29.93 -3.58 13.74
C THR A 137 28.49 -3.32 14.18
N CYS A 138 27.59 -3.61 13.25
CA CYS A 138 26.15 -3.44 13.42
C CYS A 138 25.52 -4.76 13.79
N ARG A 139 24.81 -4.79 14.91
CA ARG A 139 24.19 -6.03 15.34
C ARG A 139 22.69 -6.01 15.15
N ILE A 140 22.18 -7.00 14.43
CA ILE A 140 20.75 -7.12 14.22
C ILE A 140 20.25 -8.41 14.84
N LYS A 141 19.25 -8.32 15.71
CA LYS A 141 18.69 -9.51 16.34
C LYS A 141 17.34 -9.88 15.75
N ILE A 142 17.26 -11.12 15.26
CA ILE A 142 16.04 -11.65 14.66
C ILE A 142 15.49 -12.85 15.42
N GLY A 143 14.23 -12.78 15.83
CA GLY A 143 13.60 -13.87 16.57
C GLY A 143 12.12 -13.80 16.38
N SER A 144 11.39 -14.79 16.88
CA SER A 144 9.95 -14.81 16.84
C SER A 144 9.40 -13.63 17.62
N TRP A 145 8.33 -13.00 17.14
CA TRP A 145 7.77 -11.89 17.90
C TRP A 145 6.89 -12.37 19.08
N THR A 146 6.15 -13.47 18.90
CA THR A 146 5.17 -13.88 19.90
C THR A 146 5.35 -15.33 20.41
N HIS A 147 6.29 -16.09 19.85
CA HIS A 147 6.53 -17.49 20.27
C HIS A 147 7.80 -17.63 21.07
N HIS A 148 7.67 -18.09 22.31
CA HIS A 148 8.83 -18.31 23.16
C HIS A 148 9.54 -19.62 22.80
N SER A 149 10.58 -19.93 23.56
CA SER A 149 11.53 -20.99 23.24
C SER A 149 10.99 -22.43 23.25
N ARG A 150 9.87 -22.68 23.91
CA ARG A 150 9.26 -24.03 23.85
C ARG A 150 8.36 -24.20 22.62
N GLU A 151 8.09 -23.10 21.91
CA GLU A 151 7.25 -23.15 20.71
C GLU A 151 8.09 -22.94 19.46
N ILE A 152 9.02 -21.99 19.53
CA ILE A 152 9.98 -21.81 18.45
C ILE A 152 11.41 -21.70 18.94
N SER A 153 12.31 -22.47 18.35
CA SER A 153 13.74 -22.26 18.58
C SER A 153 14.35 -21.66 17.31
N VAL A 154 15.35 -20.80 17.47
CA VAL A 154 15.99 -20.13 16.32
C VAL A 154 17.50 -20.39 16.30
N ASP A 155 17.99 -20.87 15.16
CA ASP A 155 19.41 -21.11 15.03
C ASP A 155 20.01 -20.54 13.76
N PRO A 156 21.28 -20.12 13.83
CA PRO A 156 21.98 -19.86 12.59
C PRO A 156 22.18 -21.16 11.79
N THR A 157 22.27 -21.04 10.47
CA THR A 157 22.55 -22.18 9.61
C THR A 157 24.04 -22.47 9.69
N THR A 158 24.83 -21.44 9.41
CA THR A 158 26.29 -21.47 9.53
C THR A 158 26.57 -20.16 10.26
N GLU A 159 27.56 -20.10 11.15
CA GLU A 159 27.76 -18.88 11.92
C GLU A 159 28.53 -17.79 11.15
N ASN A 160 29.58 -18.18 10.46
CA ASN A 160 30.51 -17.19 9.98
C ASN A 160 30.76 -17.25 8.48
N SER A 161 30.83 -16.04 7.90
CA SER A 161 31.18 -15.87 6.51
C SER A 161 31.70 -14.44 6.24
N ASP A 162 32.34 -14.23 5.09
CA ASP A 162 32.69 -12.88 4.68
C ASP A 162 31.62 -12.38 3.70
N ASP A 163 30.70 -13.28 3.36
CA ASP A 163 29.53 -12.99 2.54
C ASP A 163 29.91 -12.55 1.11
N SER A 164 31.18 -12.76 0.74
CA SER A 164 31.66 -12.29 -0.55
C SER A 164 31.00 -13.00 -1.72
N GLU A 165 30.18 -14.00 -1.45
CA GLU A 165 29.46 -14.66 -2.52
C GLU A 165 28.16 -13.90 -2.89
N TYR A 166 27.62 -13.13 -1.95
CA TYR A 166 26.33 -12.46 -2.17
C TYR A 166 26.38 -10.92 -2.22
N PHE A 167 27.31 -10.31 -1.50
CA PHE A 167 27.37 -8.86 -1.39
C PHE A 167 27.78 -8.19 -2.70
N SER A 168 27.12 -7.08 -3.02
CA SER A 168 27.37 -6.35 -4.27
C SER A 168 28.78 -5.75 -4.27
N GLN A 169 29.47 -5.91 -5.39
CA GLN A 169 30.79 -5.32 -5.54
C GLN A 169 30.70 -3.79 -5.80
N TYR A 170 29.50 -3.31 -6.09
CA TYR A 170 29.34 -1.92 -6.51
C TYR A 170 28.90 -1.05 -5.35
N SER A 171 28.78 -1.65 -4.19
CA SER A 171 28.48 -0.88 -3.00
C SER A 171 29.65 0.03 -2.61
N ARG A 172 29.32 1.08 -1.88
CA ARG A 172 30.31 1.95 -1.29
C ARG A 172 30.93 1.28 -0.10
N PHE A 173 30.37 0.14 0.27
CA PHE A 173 30.83 -0.50 1.48
C PHE A 173 31.34 -1.86 1.09
N GLU A 174 32.15 -2.42 1.94
CA GLU A 174 32.58 -3.79 1.74
C GLU A 174 32.35 -4.44 3.09
N ILE A 175 32.15 -5.74 3.06
CA ILE A 175 31.91 -6.49 4.26
C ILE A 175 33.19 -7.16 4.69
N LEU A 176 33.57 -6.91 5.93
CA LEU A 176 34.78 -7.50 6.50
C LEU A 176 34.44 -8.85 7.15
N ASP A 177 33.25 -8.92 7.75
CA ASP A 177 32.82 -10.14 8.46
C ASP A 177 31.32 -10.21 8.74
N VAL A 178 30.74 -11.41 8.70
CA VAL A 178 29.38 -11.58 9.20
C VAL A 178 29.34 -12.77 10.13
N THR A 179 29.10 -12.59 11.43
CA THR A 179 28.92 -13.79 12.25
C THR A 179 27.53 -13.80 12.86
N GLN A 180 26.85 -14.93 12.75
CA GLN A 180 25.48 -15.03 13.19
C GLN A 180 25.41 -16.11 14.30
N LYS A 181 25.13 -15.67 15.52
CA LYS A 181 25.11 -16.56 16.69
C LYS A 181 23.78 -16.56 17.40
N LYS A 182 23.47 -17.68 18.02
CA LYS A 182 22.20 -17.87 18.69
C LYS A 182 22.24 -17.33 20.10
N ASN A 183 21.16 -16.69 20.48
CA ASN A 183 20.90 -16.12 21.80
C ASN A 183 19.55 -16.57 22.27
N SER A 184 19.28 -16.27 23.53
CA SER A 184 18.03 -16.61 24.18
C SER A 184 17.85 -15.55 25.26
N VAL A 185 17.23 -14.42 24.89
CA VAL A 185 17.24 -13.21 25.75
C VAL A 185 15.85 -12.91 26.35
N THR A 186 15.86 -12.51 27.62
CA THR A 186 14.66 -12.38 28.43
C THR A 186 14.22 -10.95 28.75
N TYR A 187 12.98 -10.84 29.22
CA TYR A 187 12.40 -9.55 29.52
C TYR A 187 11.92 -9.53 30.99
N SER A 188 11.78 -8.33 31.56
CA SER A 188 11.29 -8.14 32.92
C SER A 188 9.92 -8.78 33.13
N CYS A 189 9.00 -8.36 32.27
CA CYS A 189 7.61 -8.72 32.33
C CYS A 189 7.33 -10.22 32.37
N CYS A 190 8.17 -11.01 31.71
CA CYS A 190 7.78 -12.35 31.35
C CYS A 190 8.70 -13.46 31.86
N PRO A 191 8.08 -14.59 32.24
CA PRO A 191 8.75 -15.78 32.78
C PRO A 191 9.40 -16.60 31.68
N GLU A 192 9.18 -16.23 30.42
CA GLU A 192 9.67 -17.07 29.33
C GLU A 192 10.84 -16.44 28.60
N ALA A 193 11.62 -17.31 27.96
CA ALA A 193 12.80 -16.91 27.19
C ALA A 193 12.47 -16.95 25.71
N TYR A 194 12.99 -15.98 24.97
CA TYR A 194 12.78 -15.90 23.54
C TYR A 194 14.09 -16.06 22.80
N GLU A 195 14.11 -16.97 21.84
CA GLU A 195 15.34 -17.22 21.12
C GLU A 195 15.49 -16.27 19.96
N ASP A 196 16.73 -15.90 19.67
CA ASP A 196 16.99 -15.06 18.54
C ASP A 196 18.34 -15.40 17.93
N VAL A 197 18.54 -14.95 16.70
CA VAL A 197 19.87 -14.98 16.11
C VAL A 197 20.38 -13.56 16.11
N GLU A 198 21.57 -13.38 16.63
CA GLU A 198 22.24 -12.10 16.63
C GLU A 198 23.25 -12.11 15.48
N VAL A 199 23.04 -11.21 14.54
CA VAL A 199 23.84 -11.12 13.33
C VAL A 199 24.72 -9.89 13.40
N SER A 200 26.03 -10.13 13.48
CA SER A 200 27.00 -9.07 13.55
C SER A 200 27.61 -8.86 12.19
N LEU A 201 27.33 -7.68 11.66
CA LEU A 201 27.79 -7.26 10.36
C LEU A 201 28.93 -6.27 10.58
N ASN A 202 30.14 -6.75 10.34
CA ASN A 202 31.36 -5.96 10.37
C ASN A 202 31.63 -5.47 8.96
N PHE A 203 31.51 -4.18 8.74
CA PHE A 203 31.60 -3.59 7.40
C PHE A 203 32.26 -2.22 7.46
N ARG A 204 32.86 -1.75 6.38
CA ARG A 204 33.41 -0.39 6.40
C ARG A 204 33.20 0.30 5.06
N LYS A 205 33.30 1.62 5.08
CA LYS A 205 33.24 2.39 3.83
C LYS A 205 34.54 2.19 3.05
N LYS A 206 34.41 1.92 1.75
CA LYS A 206 35.56 1.83 0.86
C LYS A 206 36.23 3.18 0.66
N ASP B 4 -5.55 -29.54 20.88
CA ASP B 4 -4.33 -28.89 20.37
C ASP B 4 -4.54 -27.49 19.72
N ARG B 5 -3.47 -26.95 19.14
CA ARG B 5 -3.50 -25.58 18.63
C ARG B 5 -4.44 -25.39 17.41
N ALA B 6 -4.48 -26.37 16.52
CA ALA B 6 -5.44 -26.30 15.42
C ALA B 6 -6.87 -26.27 15.97
N ASP B 7 -7.13 -27.00 17.06
CA ASP B 7 -8.47 -27.01 17.66
C ASP B 7 -8.83 -25.68 18.23
N ILE B 8 -7.89 -25.08 18.95
CA ILE B 8 -8.12 -23.80 19.60
C ILE B 8 -8.35 -22.70 18.58
N LEU B 9 -7.50 -22.65 17.55
CA LEU B 9 -7.67 -21.66 16.50
C LEU B 9 -8.97 -21.89 15.78
N TYR B 10 -9.32 -23.15 15.56
CA TYR B 10 -10.58 -23.46 14.89
C TYR B 10 -11.81 -22.96 15.68
N ASN B 11 -11.82 -23.19 16.99
CA ASN B 11 -12.95 -22.72 17.79
C ASN B 11 -13.00 -21.19 17.86
N ILE B 12 -11.82 -20.57 17.98
CA ILE B 12 -11.68 -19.12 17.91
C ILE B 12 -12.26 -18.62 16.59
N ARG B 13 -11.97 -19.28 15.48
CA ARG B 13 -12.61 -18.89 14.24
C ARG B 13 -14.13 -19.07 14.32
N GLN B 14 -14.63 -20.07 15.05
CA GLN B 14 -16.09 -20.23 15.16
C GLN B 14 -16.79 -19.17 16.03
N THR B 15 -16.10 -18.71 17.06
CA THR B 15 -16.75 -17.91 18.11
C THR B 15 -16.41 -16.43 18.14
N SER B 16 -15.23 -16.08 17.64
CA SER B 16 -14.81 -14.69 17.68
C SER B 16 -15.63 -13.89 16.70
N ARG B 17 -16.14 -12.77 17.18
CA ARG B 17 -16.81 -11.79 16.33
C ARG B 17 -15.97 -10.52 16.32
N PRO B 18 -15.11 -10.37 15.30
CA PRO B 18 -14.12 -9.30 15.25
C PRO B 18 -14.71 -7.88 15.18
N ASP B 19 -15.97 -7.75 14.77
CA ASP B 19 -16.58 -6.42 14.67
C ASP B 19 -17.55 -6.16 15.81
N VAL B 20 -17.57 -7.08 16.77
CA VAL B 20 -18.44 -6.96 17.94
C VAL B 20 -17.65 -6.85 19.24
N ILE B 21 -17.84 -5.73 19.94
CA ILE B 21 -17.14 -5.50 21.21
C ILE B 21 -17.58 -6.55 22.26
N PRO B 22 -16.62 -7.20 22.95
CA PRO B 22 -17.01 -8.30 23.83
C PRO B 22 -17.41 -7.83 25.22
N THR B 23 -18.46 -7.04 25.28
CA THR B 23 -18.96 -6.61 26.57
C THR B 23 -19.68 -7.75 27.27
N GLN B 24 -19.38 -7.92 28.55
CA GLN B 24 -20.06 -8.90 29.37
C GLN B 24 -21.01 -8.26 30.38
N ARG B 25 -22.28 -8.66 30.33
CA ARG B 25 -23.33 -8.13 31.20
C ARG B 25 -23.44 -6.60 31.16
N ASP B 26 -23.11 -6.01 30.01
CA ASP B 26 -23.17 -4.56 29.82
C ASP B 26 -22.20 -3.74 30.68
N ARG B 27 -21.12 -4.36 31.15
CA ARG B 27 -20.01 -3.60 31.72
C ARG B 27 -19.01 -3.33 30.57
N PRO B 28 -18.10 -2.35 30.74
CA PRO B 28 -17.21 -2.08 29.61
C PRO B 28 -16.05 -3.07 29.52
N VAL B 29 -15.44 -3.16 28.33
CA VAL B 29 -14.23 -3.95 28.20
C VAL B 29 -13.11 -3.12 28.80
N ALA B 30 -12.42 -3.69 29.77
CA ALA B 30 -11.33 -3.01 30.45
C ALA B 30 -10.02 -3.26 29.71
N VAL B 31 -9.54 -2.24 29.01
CA VAL B 31 -8.30 -2.32 28.23
C VAL B 31 -7.12 -1.67 28.97
N SER B 32 -6.02 -2.40 29.08
CA SER B 32 -4.79 -1.82 29.58
C SER B 32 -3.84 -1.46 28.44
N VAL B 33 -3.26 -0.26 28.49
CA VAL B 33 -2.32 0.21 27.45
C VAL B 33 -1.03 0.72 28.07
N SER B 34 0.11 0.27 27.55
CA SER B 34 1.40 0.71 28.07
C SER B 34 2.40 0.84 26.93
N LEU B 35 2.99 2.03 26.79
CA LEU B 35 3.95 2.25 25.71
C LEU B 35 5.35 1.97 26.23
N LYS B 36 6.07 1.11 25.55
CA LYS B 36 7.46 0.84 25.91
C LYS B 36 8.31 1.43 24.81
N PHE B 37 8.94 2.57 25.09
CA PHE B 37 9.67 3.29 24.06
C PHE B 37 10.97 2.62 23.69
N ILE B 38 11.20 2.53 22.39
CA ILE B 38 12.36 1.82 21.87
C ILE B 38 13.33 2.80 21.25
N ASN B 39 12.79 3.81 20.58
CA ASN B 39 13.64 4.79 19.92
C ASN B 39 12.92 6.12 19.69
N ILE B 40 13.72 7.18 19.63
CA ILE B 40 13.30 8.52 19.22
C ILE B 40 14.16 8.89 18.05
N LEU B 41 13.57 9.01 16.87
CA LEU B 41 14.35 9.00 15.64
C LEU B 41 14.57 10.38 15.04
N GLU B 42 13.53 11.18 15.02
CA GLU B 42 13.58 12.51 14.43
C GLU B 42 12.92 13.46 15.38
N VAL B 43 13.52 14.62 15.55
CA VAL B 43 12.97 15.55 16.50
C VAL B 43 13.12 16.90 15.86
N ASN B 44 12.02 17.67 15.88
CA ASN B 44 12.05 19.00 15.28
C ASN B 44 11.40 20.00 16.21
N GLU B 45 12.24 20.82 16.87
CA GLU B 45 11.78 21.82 17.85
C GLU B 45 11.09 22.97 17.17
N ILE B 46 11.37 23.17 15.88
CA ILE B 46 10.74 24.25 15.15
C ILE B 46 9.29 23.95 14.84
N THR B 47 9.03 22.74 14.34
CA THR B 47 7.69 22.35 13.94
C THR B 47 6.95 21.60 15.06
N ASN B 48 7.67 21.24 16.12
CA ASN B 48 7.15 20.43 17.22
C ASN B 48 6.63 19.06 16.77
N GLU B 49 7.45 18.33 16.03
CA GLU B 49 7.10 17.02 15.54
C GLU B 49 8.18 16.03 15.95
N VAL B 50 7.77 14.82 16.33
CA VAL B 50 8.72 13.78 16.70
C VAL B 50 8.41 12.46 16.01
N ASP B 51 9.43 11.68 15.72
CA ASP B 51 9.25 10.37 15.13
C ASP B 51 9.66 9.34 16.17
N VAL B 52 8.70 8.53 16.63
CA VAL B 52 9.00 7.65 17.73
C VAL B 52 8.67 6.19 17.36
N VAL B 53 9.44 5.25 17.92
CA VAL B 53 9.18 3.81 17.82
C VAL B 53 8.88 3.29 19.20
N PHE B 54 7.76 2.60 19.36
CA PHE B 54 7.36 2.10 20.67
C PHE B 54 6.63 0.78 20.56
N TRP B 55 6.74 -0.06 21.58
CA TRP B 55 5.95 -1.27 21.67
C TRP B 55 4.65 -0.90 22.38
N GLN B 56 3.53 -1.06 21.70
CA GLN B 56 2.28 -0.65 22.28
C GLN B 56 1.60 -1.83 22.94
N GLN B 57 1.94 -2.08 24.20
CA GLN B 57 1.37 -3.17 24.97
C GLN B 57 -0.11 -2.96 25.23
N THR B 58 -0.95 -3.83 24.66
CA THR B 58 -2.39 -3.66 24.80
C THR B 58 -2.97 -5.00 25.32
N THR B 59 -3.68 -4.97 26.44
CA THR B 59 -4.28 -6.20 26.95
C THR B 59 -5.76 -6.01 27.22
N TRP B 60 -6.54 -7.07 27.03
CA TRP B 60 -7.98 -7.00 27.37
C TRP B 60 -8.56 -8.41 27.42
N SER B 61 -9.82 -8.55 27.83
CA SER B 61 -10.39 -9.90 27.86
C SER B 61 -11.56 -10.08 26.90
N ASP B 62 -11.55 -11.20 26.21
CA ASP B 62 -12.62 -11.59 25.31
C ASP B 62 -12.94 -13.02 25.66
N ARG B 63 -13.97 -13.22 26.48
CA ARG B 63 -14.27 -14.55 27.00
C ARG B 63 -14.85 -15.50 25.96
N THR B 64 -15.22 -14.96 24.81
CA THR B 64 -15.72 -15.79 23.72
C THR B 64 -14.60 -16.60 23.08
N LEU B 65 -13.36 -16.33 23.50
CA LEU B 65 -12.21 -17.04 22.97
C LEU B 65 -11.75 -18.19 23.86
N ALA B 66 -12.32 -18.25 25.06
CA ALA B 66 -11.86 -19.15 26.10
C ALA B 66 -12.00 -20.63 25.75
N TRP B 67 -11.11 -21.42 26.33
CA TRP B 67 -11.17 -22.87 26.19
C TRP B 67 -10.64 -23.49 27.46
N ASN B 68 -11.02 -24.73 27.70
CA ASN B 68 -10.50 -25.51 28.81
C ASN B 68 -9.13 -25.99 28.43
N SER B 69 -8.13 -25.67 29.22
CA SER B 69 -6.78 -26.02 28.81
C SER B 69 -6.18 -27.20 29.57
N SER B 70 -7.01 -28.09 30.11
CA SER B 70 -6.50 -29.16 30.97
C SER B 70 -5.46 -30.02 30.24
N HIS B 71 -5.78 -30.45 29.02
CA HIS B 71 -4.81 -31.23 28.25
C HIS B 71 -4.55 -30.46 26.95
N SER B 72 -4.36 -29.16 27.09
CA SER B 72 -4.11 -28.28 25.95
C SER B 72 -3.05 -27.24 26.25
N PRO B 73 -2.56 -26.56 25.21
CA PRO B 73 -1.77 -25.34 25.48
C PRO B 73 -2.67 -24.33 26.14
N ASP B 74 -2.16 -23.51 27.04
CA ASP B 74 -3.03 -22.53 27.68
C ASP B 74 -2.88 -21.17 26.99
N GLN B 75 -2.05 -21.11 25.95
CA GLN B 75 -1.80 -19.91 25.17
C GLN B 75 -1.59 -20.21 23.69
N VAL B 76 -2.08 -19.34 22.80
CA VAL B 76 -1.82 -19.46 21.37
C VAL B 76 -1.54 -18.11 20.73
N SER B 77 -0.89 -18.13 19.57
CA SER B 77 -0.71 -16.93 18.76
C SER B 77 -1.77 -16.91 17.66
N VAL B 78 -2.44 -15.76 17.51
CA VAL B 78 -3.59 -15.64 16.62
C VAL B 78 -3.50 -14.33 15.84
N PRO B 79 -3.74 -14.37 14.52
CA PRO B 79 -3.73 -13.11 13.76
C PRO B 79 -4.81 -12.19 14.30
N ILE B 80 -4.52 -10.89 14.44
CA ILE B 80 -5.46 -9.96 15.05
C ILE B 80 -6.67 -9.75 14.17
N SER B 81 -6.57 -10.10 12.89
CA SER B 81 -7.71 -9.98 12.00
C SER B 81 -8.80 -11.00 12.34
N SER B 82 -8.44 -11.99 13.15
CA SER B 82 -9.36 -13.01 13.64
C SER B 82 -10.00 -12.63 14.96
N LEU B 83 -9.59 -11.49 15.50
CA LEU B 83 -10.00 -11.06 16.84
C LEU B 83 -10.60 -9.66 16.83
N TRP B 84 -11.42 -9.36 17.83
CA TRP B 84 -11.78 -7.98 18.12
C TRP B 84 -10.57 -7.29 18.75
N VAL B 85 -10.23 -6.10 18.29
CA VAL B 85 -9.18 -5.34 18.95
C VAL B 85 -9.76 -3.96 19.25
N PRO B 86 -9.35 -3.36 20.37
CA PRO B 86 -9.87 -2.01 20.66
C PRO B 86 -9.45 -1.02 19.56
N ASP B 87 -10.38 -0.13 19.24
CA ASP B 87 -10.20 0.90 18.22
C ASP B 87 -9.41 2.09 18.78
N LEU B 88 -8.24 1.82 19.34
CA LEU B 88 -7.39 2.86 19.91
C LEU B 88 -6.77 3.81 18.87
N ALA B 89 -6.62 5.07 19.25
CA ALA B 89 -5.93 6.07 18.42
C ALA B 89 -5.18 7.03 19.32
N ALA B 90 -4.06 7.51 18.81
CA ALA B 90 -3.29 8.56 19.45
C ALA B 90 -3.86 9.87 18.94
N TYR B 91 -4.30 10.72 19.86
CA TYR B 91 -5.07 11.90 19.48
C TYR B 91 -4.23 12.95 18.77
N ASN B 92 -2.94 13.00 19.07
CA ASN B 92 -2.05 13.97 18.45
C ASN B 92 -1.11 13.35 17.41
N ALA B 93 -1.43 12.14 16.97
CA ALA B 93 -0.64 11.53 15.91
C ALA B 93 -0.80 12.30 14.60
N ILE B 94 0.27 12.39 13.83
CA ILE B 94 0.20 13.06 12.52
C ILE B 94 0.66 12.14 11.38
N SER B 95 0.88 10.87 11.68
CA SER B 95 1.09 9.86 10.64
C SER B 95 0.26 8.65 10.96
N LYS B 96 -0.02 7.84 9.94
CA LYS B 96 -0.61 6.53 10.20
C LYS B 96 0.38 5.77 11.03
N PRO B 97 -0.11 5.02 12.02
CA PRO B 97 0.81 4.12 12.71
C PRO B 97 1.39 3.14 11.70
N GLU B 98 2.71 3.03 11.67
CA GLU B 98 3.36 2.07 10.81
C GLU B 98 3.73 0.85 11.67
N VAL B 99 3.00 -0.26 11.50
CA VAL B 99 3.25 -1.46 12.31
C VAL B 99 4.45 -2.18 11.74
N LEU B 100 5.46 -2.41 12.57
CA LEU B 100 6.71 -2.97 12.09
C LEU B 100 6.76 -4.51 12.28
N THR B 101 5.87 -5.04 13.11
CA THR B 101 5.95 -6.44 13.54
C THR B 101 4.81 -7.28 12.97
N PRO B 102 4.96 -8.63 12.98
CA PRO B 102 3.86 -9.50 12.55
C PRO B 102 2.61 -9.24 13.39
N GLN B 103 1.46 -9.11 12.73
CA GLN B 103 0.28 -8.68 13.47
C GLN B 103 -0.43 -9.84 14.12
N LEU B 104 0.22 -10.33 15.17
CA LEU B 104 -0.25 -11.48 15.93
C LEU B 104 -0.45 -11.11 17.38
N ALA B 105 -1.57 -11.57 17.95
CA ALA B 105 -1.83 -11.39 19.37
C ALA B 105 -1.65 -12.72 20.13
N ARG B 106 -1.38 -12.63 21.42
CA ARG B 106 -1.26 -13.81 22.25
C ARG B 106 -2.55 -13.94 23.03
N VAL B 107 -3.14 -15.13 22.99
CA VAL B 107 -4.40 -15.42 23.65
C VAL B 107 -4.23 -16.53 24.70
N VAL B 108 -4.65 -16.23 25.92
CA VAL B 108 -4.61 -17.18 27.00
C VAL B 108 -5.96 -17.90 27.09
N SER B 109 -5.95 -19.11 27.65
CA SER B 109 -7.11 -19.99 27.65
C SER B 109 -8.32 -19.40 28.37
N ASP B 110 -8.09 -18.46 29.27
CA ASP B 110 -9.17 -17.80 29.97
C ASP B 110 -9.73 -16.63 29.16
N GLY B 111 -9.18 -16.39 27.96
CA GLY B 111 -9.74 -15.37 27.09
C GLY B 111 -9.03 -14.04 27.21
N GLU B 112 -7.89 -14.05 27.88
CA GLU B 112 -7.06 -12.90 28.03
C GLU B 112 -6.23 -12.68 26.75
N VAL B 113 -6.29 -11.49 26.17
CA VAL B 113 -5.59 -11.17 24.92
C VAL B 113 -4.47 -10.17 25.15
N LEU B 114 -3.31 -10.49 24.59
CA LEU B 114 -2.20 -9.57 24.58
C LEU B 114 -1.78 -9.23 23.12
N TYR B 115 -1.85 -7.96 22.74
CA TYR B 115 -1.38 -7.52 21.43
C TYR B 115 -0.38 -6.38 21.62
N MET B 116 0.87 -6.62 21.23
CA MET B 116 1.87 -5.56 21.36
C MET B 116 2.63 -5.36 20.07
N PRO B 117 2.04 -4.61 19.16
CA PRO B 117 2.78 -4.27 17.95
C PRO B 117 3.91 -3.30 18.25
N SER B 118 5.01 -3.44 17.52
CA SER B 118 5.99 -2.38 17.53
C SER B 118 5.55 -1.36 16.47
N ILE B 119 5.48 -0.09 16.86
CA ILE B 119 4.90 0.93 16.00
C ILE B 119 5.84 2.11 15.82
N ARG B 120 6.01 2.54 14.58
CA ARG B 120 6.67 3.82 14.33
C ARG B 120 5.62 4.84 13.94
N GLN B 121 5.62 5.96 14.62
CA GLN B 121 4.59 6.93 14.37
C GLN B 121 5.14 8.33 14.59
N ARG B 122 4.56 9.32 13.92
CA ARG B 122 5.01 10.68 14.07
C ARG B 122 3.95 11.43 14.87
N PHE B 123 4.40 12.25 15.81
CA PHE B 123 3.49 12.99 16.66
C PHE B 123 3.75 14.50 16.66
N SER B 124 2.67 15.22 16.91
CA SER B 124 2.73 16.64 17.18
C SER B 124 2.73 16.81 18.69
N CYS B 125 3.80 17.41 19.23
CA CYS B 125 3.89 17.59 20.68
C CYS B 125 5.01 18.55 21.02
N ASP B 126 5.08 18.93 22.30
CA ASP B 126 6.02 19.96 22.77
C ASP B 126 7.46 19.47 22.79
N VAL B 127 8.23 19.93 21.83
CA VAL B 127 9.59 19.46 21.69
C VAL B 127 10.51 20.48 22.37
N SER B 128 9.91 21.59 22.81
CA SER B 128 10.68 22.67 23.43
C SER B 128 11.47 22.15 24.61
N GLY B 129 12.76 22.45 24.65
CA GLY B 129 13.63 22.06 25.76
C GLY B 129 14.44 20.80 25.53
N VAL B 130 14.33 20.24 24.33
CA VAL B 130 14.92 18.94 24.04
C VAL B 130 16.45 18.96 24.12
N ASP B 131 17.05 20.11 23.88
CA ASP B 131 18.51 20.22 23.91
C ASP B 131 18.94 20.73 25.27
N THR B 132 18.00 20.79 26.19
CA THR B 132 18.32 21.28 27.51
C THR B 132 18.47 20.13 28.48
N GLU B 133 18.61 20.46 29.75
CA GLU B 133 18.92 19.46 30.74
C GLU B 133 17.66 19.05 31.43
N SER B 134 16.68 19.93 31.35
CA SER B 134 15.32 19.64 31.74
C SER B 134 14.70 18.67 30.75
N GLY B 135 15.16 18.75 29.50
CA GLY B 135 14.65 17.93 28.43
C GLY B 135 13.33 18.47 27.93
N ALA B 136 12.80 17.84 26.90
CA ALA B 136 11.44 18.08 26.43
C ALA B 136 10.50 17.09 27.08
N THR B 137 9.22 17.43 27.09
CA THR B 137 8.18 16.48 27.47
C THR B 137 7.10 16.39 26.39
N CYS B 138 7.09 15.24 25.71
CA CYS B 138 6.12 14.95 24.68
C CYS B 138 4.96 14.11 25.29
N ARG B 139 3.73 14.59 25.15
CA ARG B 139 2.60 13.86 25.72
C ARG B 139 1.80 13.23 24.60
N ILE B 140 1.61 11.93 24.69
CA ILE B 140 0.82 11.21 23.71
C ILE B 140 -0.40 10.63 24.42
N LYS B 141 -1.58 10.95 23.91
CA LYS B 141 -2.82 10.47 24.48
C LYS B 141 -3.39 9.40 23.57
N ILE B 142 -3.67 8.23 24.15
CA ILE B 142 -4.23 7.09 23.43
C ILE B 142 -5.58 6.71 24.00
N GLY B 143 -6.60 6.62 23.17
CA GLY B 143 -7.89 6.19 23.67
C GLY B 143 -8.76 5.67 22.55
N SER B 144 -9.90 5.09 22.89
CA SER B 144 -10.83 4.63 21.89
C SER B 144 -11.36 5.79 21.02
N TRP B 145 -11.47 5.53 19.73
CA TRP B 145 -11.96 6.52 18.81
C TRP B 145 -13.49 6.64 18.82
N THR B 146 -14.20 5.53 19.03
CA THR B 146 -15.65 5.56 18.90
C THR B 146 -16.42 5.02 20.10
N HIS B 147 -15.72 4.46 21.09
CA HIS B 147 -16.42 3.88 22.24
C HIS B 147 -16.24 4.67 23.53
N HIS B 148 -17.34 5.13 24.11
CA HIS B 148 -17.29 5.86 25.37
C HIS B 148 -17.07 4.91 26.58
N SER B 149 -17.00 5.48 27.78
CA SER B 149 -16.52 4.77 28.98
C SER B 149 -17.41 3.61 29.46
N ARG B 150 -18.67 3.57 29.03
CA ARG B 150 -19.56 2.47 29.36
C ARG B 150 -19.34 1.29 28.46
N GLU B 151 -18.56 1.49 27.40
CA GLU B 151 -18.21 0.46 26.43
C GLU B 151 -16.72 0.06 26.47
N ILE B 152 -15.83 1.04 26.55
CA ILE B 152 -14.41 0.73 26.73
C ILE B 152 -13.79 1.58 27.84
N SER B 153 -13.13 0.91 28.77
CA SER B 153 -12.34 1.64 29.74
C SER B 153 -10.86 1.47 29.42
N VAL B 154 -10.07 2.50 29.64
CA VAL B 154 -8.65 2.48 29.33
C VAL B 154 -7.84 2.83 30.56
N ASP B 155 -6.95 1.92 30.94
CA ASP B 155 -6.08 2.15 32.08
C ASP B 155 -4.65 1.81 31.71
N PRO B 156 -3.69 2.52 32.31
CA PRO B 156 -2.29 2.13 32.22
C PRO B 156 -2.10 0.86 33.02
N THR B 157 -1.06 0.08 32.75
CA THR B 157 -0.80 -1.09 33.57
C THR B 157 -0.19 -0.64 34.88
N ASP B 163 10.78 2.33 31.68
CA ASP B 163 10.67 2.31 30.22
C ASP B 163 12.00 2.55 29.51
N SER B 164 13.09 2.50 30.25
CA SER B 164 14.38 2.69 29.60
C SER B 164 14.98 1.32 29.43
N GLU B 165 14.22 0.30 29.81
CA GLU B 165 14.70 -1.05 29.71
C GLU B 165 14.80 -1.51 28.26
N TYR B 166 13.98 -0.95 27.40
CA TYR B 166 14.03 -1.44 26.02
C TYR B 166 14.58 -0.36 25.11
N PHE B 167 14.79 0.83 25.65
CA PHE B 167 15.19 1.96 24.84
C PHE B 167 16.58 1.72 24.21
N SER B 168 16.73 2.07 22.94
CA SER B 168 17.96 1.79 22.23
C SER B 168 19.09 2.63 22.78
N GLN B 169 20.24 1.99 22.97
CA GLN B 169 21.42 2.65 23.50
C GLN B 169 22.05 3.49 22.39
N TYR B 170 21.54 3.33 21.17
CA TYR B 170 22.07 3.98 19.99
C TYR B 170 21.26 5.15 19.53
N SER B 171 20.22 5.49 20.26
CA SER B 171 19.47 6.70 19.94
C SER B 171 20.33 7.93 20.28
N ARG B 172 20.08 9.05 19.62
CA ARG B 172 20.79 10.29 19.95
C ARG B 172 20.21 10.91 21.22
N PHE B 173 19.11 10.32 21.67
CA PHE B 173 18.36 10.88 22.77
C PHE B 173 18.34 9.87 23.90
N GLU B 174 18.04 10.36 25.09
CA GLU B 174 17.93 9.52 26.26
C GLU B 174 16.65 9.87 27.00
N ILE B 175 16.10 8.92 27.73
CA ILE B 175 14.84 9.12 28.41
C ILE B 175 15.07 9.44 29.88
N LEU B 176 14.47 10.54 30.32
CA LEU B 176 14.61 10.99 31.70
C LEU B 176 13.48 10.46 32.57
N ASP B 177 12.28 10.36 32.01
CA ASP B 177 11.12 9.85 32.76
C ASP B 177 9.93 9.48 31.89
N VAL B 178 9.15 8.49 32.33
CA VAL B 178 7.89 8.19 31.66
C VAL B 178 6.76 8.10 32.69
N THR B 179 5.75 8.96 32.55
CA THR B 179 4.56 8.85 33.42
C THR B 179 3.32 8.58 32.58
N GLN B 180 2.46 7.69 33.07
CA GLN B 180 1.25 7.31 32.36
C GLN B 180 0.04 7.59 33.24
N LYS B 181 -0.80 8.56 32.87
CA LYS B 181 -1.95 8.93 33.69
C LYS B 181 -3.27 8.82 32.91
N LYS B 182 -4.35 8.38 33.55
CA LYS B 182 -5.60 8.23 32.81
C LYS B 182 -6.52 9.43 32.91
N ASN B 183 -7.22 9.70 31.82
CA ASN B 183 -8.13 10.83 31.72
C ASN B 183 -9.50 10.36 31.30
N SER B 184 -10.49 11.23 31.47
CA SER B 184 -11.87 10.93 31.11
C SER B 184 -12.59 12.20 30.77
N VAL B 185 -12.87 12.39 29.49
CA VAL B 185 -13.30 13.68 29.01
C VAL B 185 -14.72 13.66 28.45
N THR B 186 -15.52 14.68 28.79
CA THR B 186 -16.88 14.78 28.28
C THR B 186 -16.92 15.97 27.31
N TYR B 187 -17.79 15.93 26.31
CA TYR B 187 -17.74 16.89 25.22
C TYR B 187 -18.99 17.74 24.97
N SER B 188 -18.79 18.82 24.22
CA SER B 188 -19.86 19.72 23.79
C SER B 188 -20.93 18.94 23.03
N CYS B 189 -20.48 18.33 21.95
CA CYS B 189 -21.35 17.59 21.04
C CYS B 189 -22.11 16.44 21.71
N CYS B 190 -21.44 15.77 22.65
CA CYS B 190 -21.84 14.42 23.07
C CYS B 190 -22.11 14.27 24.57
N PRO B 191 -23.11 13.46 24.93
CA PRO B 191 -23.54 13.22 26.32
C PRO B 191 -22.67 12.22 27.12
N GLU B 192 -21.76 11.50 26.48
CA GLU B 192 -20.98 10.46 27.13
C GLU B 192 -19.51 10.79 27.36
N ALA B 193 -18.86 10.01 28.22
CA ALA B 193 -17.46 10.25 28.54
C ALA B 193 -16.51 9.34 27.77
N TYR B 194 -15.35 9.87 27.39
CA TYR B 194 -14.34 9.08 26.70
C TYR B 194 -13.05 9.01 27.49
N GLU B 195 -12.57 7.79 27.73
CA GLU B 195 -11.36 7.59 28.50
C GLU B 195 -10.11 7.57 27.62
N ASP B 196 -8.98 8.00 28.18
CA ASP B 196 -7.71 7.89 27.47
C ASP B 196 -6.60 7.70 28.46
N VAL B 197 -5.45 7.21 27.99
CA VAL B 197 -4.22 7.24 28.77
C VAL B 197 -3.24 8.25 28.15
N GLU B 198 -2.73 9.14 28.99
CA GLU B 198 -1.78 10.16 28.59
C GLU B 198 -0.39 9.75 29.06
N VAL B 199 0.49 9.58 28.09
CA VAL B 199 1.83 9.13 28.36
C VAL B 199 2.76 10.31 28.13
N SER B 200 3.38 10.74 29.21
CA SER B 200 4.29 11.87 29.18
C SER B 200 5.71 11.31 29.15
N LEU B 201 6.36 11.60 28.03
CA LEU B 201 7.71 11.17 27.73
C LEU B 201 8.67 12.34 27.92
N ASN B 202 9.43 12.29 29.02
CA ASN B 202 10.46 13.26 29.32
C ASN B 202 11.81 12.75 28.83
N PHE B 203 12.35 13.45 27.82
CA PHE B 203 13.58 13.01 27.15
C PHE B 203 14.47 14.19 26.73
N ARG B 204 15.77 13.93 26.56
CA ARG B 204 16.66 14.99 26.12
C ARG B 204 17.77 14.46 25.20
N LYS B 205 18.40 15.35 24.45
CA LYS B 205 19.54 15.00 23.61
C LYS B 205 20.72 14.65 24.50
N LYS B 206 21.45 13.59 24.15
CA LYS B 206 22.63 13.20 24.92
C LYS B 206 23.73 14.25 24.77
N ASP C 4 -29.01 -8.05 21.32
CA ASP C 4 -27.66 -7.57 21.62
C ASP C 4 -26.95 -7.08 20.36
N ARG C 5 -25.67 -6.74 20.50
CA ARG C 5 -24.91 -6.07 19.45
C ARG C 5 -24.65 -6.94 18.24
N ALA C 6 -24.41 -8.22 18.47
CA ALA C 6 -24.19 -9.16 17.38
C ALA C 6 -25.41 -9.23 16.48
N ASP C 7 -26.59 -9.13 17.08
CA ASP C 7 -27.83 -9.19 16.32
C ASP C 7 -27.97 -7.97 15.44
N ILE C 8 -27.65 -6.82 16.02
CA ILE C 8 -27.75 -5.55 15.32
C ILE C 8 -26.79 -5.56 14.16
N LEU C 9 -25.55 -5.99 14.39
CA LEU C 9 -24.58 -6.06 13.30
C LEU C 9 -24.97 -7.06 12.23
N TYR C 10 -25.51 -8.19 12.67
CA TYR C 10 -25.94 -9.23 11.76
C TYR C 10 -27.06 -8.73 10.86
N ASN C 11 -28.02 -8.05 11.45
CA ASN C 11 -29.17 -7.50 10.72
C ASN C 11 -28.67 -6.44 9.76
N ILE C 12 -27.76 -5.59 10.24
CA ILE C 12 -27.12 -4.59 9.38
C ILE C 12 -26.47 -5.22 8.15
N ARG C 13 -25.71 -6.28 8.39
CA ARG C 13 -25.04 -7.04 7.34
C ARG C 13 -26.08 -7.59 6.38
N GLN C 14 -27.25 -7.93 6.92
CA GLN C 14 -28.32 -8.47 6.09
C GLN C 14 -28.98 -7.41 5.19
N THR C 15 -29.21 -6.22 5.74
CA THR C 15 -30.04 -5.21 5.08
C THR C 15 -29.28 -4.00 4.54
N SER C 16 -28.11 -3.73 5.10
CA SER C 16 -27.35 -2.60 4.62
C SER C 16 -26.82 -2.89 3.23
N ARG C 17 -27.04 -1.94 2.32
CA ARG C 17 -26.49 -2.05 0.98
C ARG C 17 -25.48 -0.92 0.79
N PRO C 18 -24.19 -1.25 0.96
CA PRO C 18 -23.08 -0.28 0.99
C PRO C 18 -22.85 0.47 -0.33
N ASP C 19 -23.37 -0.06 -1.43
CA ASP C 19 -23.21 0.55 -2.74
C ASP C 19 -24.50 1.24 -3.21
N VAL C 20 -25.50 1.29 -2.36
CA VAL C 20 -26.76 1.92 -2.75
C VAL C 20 -27.06 3.12 -1.86
N ILE C 21 -27.21 4.30 -2.47
CA ILE C 21 -27.50 5.50 -1.70
C ILE C 21 -28.88 5.42 -1.01
N PRO C 22 -28.93 5.70 0.30
CA PRO C 22 -30.20 5.50 1.00
C PRO C 22 -31.14 6.69 0.90
N THR C 23 -31.55 7.02 -0.32
CA THR C 23 -32.52 8.09 -0.56
C THR C 23 -33.93 7.64 -0.16
N GLN C 24 -34.62 8.53 0.54
CA GLN C 24 -35.98 8.29 1.05
C GLN C 24 -36.98 9.08 0.18
N ARG C 25 -37.99 8.41 -0.35
CA ARG C 25 -39.01 9.06 -1.22
C ARG C 25 -38.44 9.82 -2.39
N ASP C 26 -37.30 9.34 -2.87
CA ASP C 26 -36.66 9.92 -4.03
C ASP C 26 -36.31 11.43 -3.84
N ARG C 27 -36.19 11.86 -2.59
CA ARG C 27 -35.58 13.14 -2.26
C ARG C 27 -34.08 12.85 -2.03
N PRO C 28 -33.23 13.90 -1.99
CA PRO C 28 -31.82 13.54 -1.79
C PRO C 28 -31.47 13.19 -0.34
N VAL C 29 -30.35 12.52 -0.15
CA VAL C 29 -29.77 12.27 1.16
C VAL C 29 -29.12 13.54 1.68
N ALA C 30 -29.50 13.93 2.88
CA ALA C 30 -28.93 15.12 3.49
C ALA C 30 -27.68 14.76 4.29
N VAL C 31 -26.54 15.13 3.74
CA VAL C 31 -25.26 14.90 4.39
C VAL C 31 -24.74 16.17 5.05
N SER C 32 -24.49 16.07 6.35
CA SER C 32 -23.88 17.19 7.05
C SER C 32 -22.39 16.94 7.23
N VAL C 33 -21.61 17.95 6.84
CA VAL C 33 -20.17 17.89 6.84
C VAL C 33 -19.62 19.11 7.54
N SER C 34 -18.72 18.88 8.48
CA SER C 34 -18.09 19.96 9.22
C SER C 34 -16.65 19.59 9.56
N LEU C 35 -15.71 20.46 9.23
CA LEU C 35 -14.31 20.21 9.54
C LEU C 35 -13.86 20.80 10.87
N LYS C 36 -13.23 19.98 11.71
CA LYS C 36 -12.65 20.47 12.95
C LYS C 36 -11.11 20.42 12.85
N PHE C 37 -10.48 21.57 12.70
CA PHE C 37 -9.04 21.58 12.44
C PHE C 37 -8.23 21.25 13.67
N ILE C 38 -7.24 20.39 13.49
CA ILE C 38 -6.41 19.88 14.59
C ILE C 38 -4.96 20.36 14.45
N ASN C 39 -4.47 20.47 13.23
CA ASN C 39 -3.10 20.92 13.05
C ASN C 39 -2.89 21.52 11.67
N ILE C 40 -1.93 22.42 11.59
CA ILE C 40 -1.44 22.90 10.30
C ILE C 40 0.05 22.61 10.31
N LEU C 41 0.44 21.74 9.40
CA LEU C 41 1.73 21.08 9.54
C LEU C 41 2.77 21.69 8.64
N GLU C 42 2.42 21.93 7.40
CA GLU C 42 3.39 22.48 6.49
C GLU C 42 2.70 23.53 5.66
N VAL C 43 3.43 24.59 5.38
CA VAL C 43 2.89 25.72 4.67
C VAL C 43 3.97 26.19 3.73
N ASN C 44 3.57 26.44 2.49
CA ASN C 44 4.50 26.93 1.50
C ASN C 44 3.85 28.09 0.77
N GLU C 45 4.32 29.29 1.08
CA GLU C 45 3.74 30.51 0.54
C GLU C 45 4.10 30.64 -0.93
N ILE C 46 5.19 29.99 -1.34
CA ILE C 46 5.62 30.01 -2.74
C ILE C 46 4.72 29.15 -3.63
N THR C 47 4.41 27.93 -3.21
CA THR C 47 3.62 27.02 -4.05
C THR C 47 2.13 27.10 -3.77
N ASN C 48 1.75 27.78 -2.69
CA ASN C 48 0.35 27.83 -2.28
C ASN C 48 -0.22 26.43 -1.97
N GLU C 49 0.49 25.71 -1.12
CA GLU C 49 0.10 24.37 -0.69
C GLU C 49 0.13 24.30 0.81
N VAL C 50 -0.86 23.64 1.40
CA VAL C 50 -0.87 23.45 2.84
C VAL C 50 -1.10 21.99 3.17
N ASP C 51 -0.49 21.58 4.28
CA ASP C 51 -0.63 20.25 4.81
C ASP C 51 -1.44 20.37 6.09
N VAL C 52 -2.63 19.77 6.08
CA VAL C 52 -3.57 19.96 7.19
C VAL C 52 -4.08 18.65 7.81
N VAL C 53 -4.32 18.67 9.12
CA VAL C 53 -4.95 17.58 9.85
C VAL C 53 -6.31 18.03 10.38
N PHE C 54 -7.38 17.32 10.05
CA PHE C 54 -8.72 17.69 10.50
C PHE C 54 -9.64 16.51 10.77
N TRP C 55 -10.56 16.70 11.72
CA TRP C 55 -11.61 15.73 11.98
C TRP C 55 -12.76 16.06 11.05
N GLN C 56 -13.10 15.14 10.15
CA GLN C 56 -14.15 15.40 9.19
C GLN C 56 -15.48 14.85 9.70
N GLN C 57 -16.18 15.64 10.50
CA GLN C 57 -17.46 15.25 11.05
C GLN C 57 -18.51 15.12 9.97
N THR C 58 -18.99 13.89 9.77
CA THR C 58 -19.95 13.59 8.73
C THR C 58 -21.13 12.85 9.33
N THR C 59 -22.35 13.34 9.10
CA THR C 59 -23.55 12.66 9.58
C THR C 59 -24.58 12.56 8.46
N TRP C 60 -25.40 11.51 8.50
CA TRP C 60 -26.50 11.36 7.53
C TRP C 60 -27.46 10.31 8.05
N SER C 61 -28.57 10.08 7.36
CA SER C 61 -29.52 9.07 7.80
C SER C 61 -29.61 7.90 6.82
N ASP C 62 -29.62 6.68 7.36
CA ASP C 62 -29.79 5.45 6.59
C ASP C 62 -30.75 4.51 7.36
N ARG C 63 -32.02 4.49 6.96
CA ARG C 63 -33.05 3.73 7.69
C ARG C 63 -32.91 2.22 7.53
N THR C 64 -32.06 1.79 6.59
CA THR C 64 -31.80 0.36 6.39
C THR C 64 -30.98 -0.20 7.55
N LEU C 65 -30.44 0.68 8.41
CA LEU C 65 -29.63 0.26 9.54
C LEU C 65 -30.39 0.27 10.89
N ALA C 66 -31.56 0.90 10.90
CA ALA C 66 -32.31 1.14 12.12
C ALA C 66 -32.80 -0.15 12.81
N TRP C 67 -32.98 -0.07 14.13
CA TRP C 67 -33.53 -1.19 14.89
C TRP C 67 -34.29 -0.68 16.11
N ASN C 68 -35.17 -1.52 16.66
CA ASN C 68 -35.89 -1.19 17.88
C ASN C 68 -34.97 -1.39 19.09
N SER C 69 -34.76 -0.35 19.87
CA SER C 69 -33.81 -0.44 20.98
C SER C 69 -34.46 -0.44 22.36
N SER C 70 -35.69 -0.92 22.45
CA SER C 70 -36.45 -0.83 23.71
C SER C 70 -35.69 -1.47 24.86
N HIS C 71 -35.25 -2.71 24.67
CA HIS C 71 -34.38 -3.35 25.65
C HIS C 71 -33.13 -3.82 24.96
N SER C 72 -32.58 -2.96 24.13
CA SER C 72 -31.35 -3.28 23.39
C SER C 72 -30.47 -2.04 23.36
N PRO C 73 -29.19 -2.22 22.99
CA PRO C 73 -28.36 -1.02 22.85
C PRO C 73 -28.87 -0.08 21.75
N ASP C 74 -28.72 1.20 21.99
CA ASP C 74 -29.27 2.19 21.07
C ASP C 74 -28.26 2.75 20.06
N GLN C 75 -27.00 2.33 20.22
CA GLN C 75 -25.88 2.74 19.37
C GLN C 75 -24.85 1.63 19.25
N VAL C 76 -24.26 1.50 18.06
CA VAL C 76 -23.12 0.60 17.90
C VAL C 76 -22.03 1.19 17.01
N SER C 77 -20.82 0.70 17.20
CA SER C 77 -19.73 1.04 16.30
C SER C 77 -19.61 -0.07 15.27
N VAL C 78 -19.51 0.34 14.02
CA VAL C 78 -19.60 -0.51 12.85
C VAL C 78 -18.55 -0.13 11.83
N PRO C 79 -17.86 -1.11 11.23
CA PRO C 79 -16.89 -0.80 10.15
C PRO C 79 -17.56 -0.08 8.97
N ILE C 80 -16.94 0.94 8.38
CA ILE C 80 -17.62 1.70 7.33
C ILE C 80 -17.83 0.88 6.07
N SER C 81 -17.12 -0.23 5.94
CA SER C 81 -17.32 -1.13 4.81
C SER C 81 -18.65 -1.88 4.87
N SER C 82 -19.29 -1.87 6.04
CA SER C 82 -20.60 -2.51 6.19
C SER C 82 -21.74 -1.56 5.88
N LEU C 83 -21.40 -0.30 5.59
CA LEU C 83 -22.37 0.79 5.41
C LEU C 83 -22.15 1.57 4.11
N TRP C 84 -23.20 2.20 3.60
CA TRP C 84 -23.03 3.23 2.60
C TRP C 84 -22.42 4.44 3.27
N VAL C 85 -21.39 5.01 2.65
CA VAL C 85 -20.81 6.27 3.14
C VAL C 85 -20.77 7.24 1.95
N PRO C 86 -21.00 8.54 2.21
CA PRO C 86 -20.96 9.51 1.11
C PRO C 86 -19.57 9.54 0.49
N ASP C 87 -19.55 9.64 -0.83
CA ASP C 87 -18.32 9.71 -1.61
C ASP C 87 -17.72 11.13 -1.65
N LEU C 88 -17.50 11.72 -0.48
CA LEU C 88 -17.00 13.08 -0.40
C LEU C 88 -15.56 13.19 -0.89
N ALA C 89 -15.27 14.32 -1.53
CA ALA C 89 -13.93 14.61 -1.96
C ALA C 89 -13.73 16.10 -1.83
N ALA C 90 -12.51 16.44 -1.46
CA ALA C 90 -12.10 17.81 -1.38
C ALA C 90 -11.62 18.16 -2.77
N TYR C 91 -12.27 19.15 -3.37
CA TYR C 91 -12.08 19.46 -4.80
C TYR C 91 -10.69 20.06 -5.10
N ASN C 92 -10.08 20.72 -4.14
CA ASN C 92 -8.76 21.30 -4.38
C ASN C 92 -7.63 20.54 -3.70
N ALA C 93 -7.91 19.30 -3.28
CA ALA C 93 -6.92 18.40 -2.67
C ALA C 93 -5.81 17.94 -3.63
N ILE C 94 -4.59 17.83 -3.13
CA ILE C 94 -3.46 17.41 -3.99
C ILE C 94 -2.69 16.25 -3.38
N SER C 95 -3.27 15.66 -2.34
CA SER C 95 -2.78 14.42 -1.78
C SER C 95 -3.98 13.56 -1.54
N LYS C 96 -3.77 12.24 -1.44
CA LYS C 96 -4.79 11.32 -0.98
C LYS C 96 -5.10 11.64 0.46
N PRO C 97 -6.38 11.61 0.84
CA PRO C 97 -6.64 11.76 2.27
C PRO C 97 -5.95 10.65 3.06
N GLU C 98 -5.14 11.01 4.03
CA GLU C 98 -4.51 10.00 4.88
C GLU C 98 -5.32 9.89 6.16
N VAL C 99 -6.09 8.80 6.27
CA VAL C 99 -6.95 8.58 7.43
C VAL C 99 -6.10 8.06 8.56
N LEU C 100 -6.13 8.79 9.68
CA LEU C 100 -5.27 8.53 10.82
C LEU C 100 -5.93 7.69 11.91
N THR C 101 -7.25 7.53 11.79
CA THR C 101 -8.07 6.90 12.81
C THR C 101 -8.69 5.58 12.32
N PRO C 102 -9.13 4.72 13.26
CA PRO C 102 -9.85 3.48 12.92
C PRO C 102 -11.09 3.78 12.10
N GLN C 103 -11.30 3.05 11.02
CA GLN C 103 -12.38 3.41 10.12
C GLN C 103 -13.70 2.79 10.55
N LEU C 104 -14.21 3.34 11.63
CA LEU C 104 -15.46 2.90 12.26
C LEU C 104 -16.42 4.07 12.34
N ALA C 105 -17.67 3.79 12.01
CA ALA C 105 -18.76 4.76 12.12
C ALA C 105 -19.67 4.41 13.29
N ARG C 106 -20.36 5.42 13.82
CA ARG C 106 -21.31 5.20 14.89
C ARG C 106 -22.71 5.24 14.33
N VAL C 107 -23.48 4.19 14.62
CA VAL C 107 -24.84 4.08 14.12
C VAL C 107 -25.78 4.11 15.28
N VAL C 108 -26.76 5.01 15.21
CA VAL C 108 -27.79 5.12 16.22
C VAL C 108 -28.99 4.31 15.73
N SER C 109 -29.77 3.76 16.67
CA SER C 109 -30.85 2.83 16.35
C SER C 109 -31.93 3.44 15.45
N ASP C 110 -32.00 4.76 15.38
CA ASP C 110 -32.98 5.38 14.47
C ASP C 110 -32.40 5.49 13.07
N GLY C 111 -31.17 5.03 12.88
CA GLY C 111 -30.56 5.01 11.56
C GLY C 111 -29.72 6.24 11.26
N GLU C 112 -29.46 7.04 12.30
CA GLU C 112 -28.61 8.22 12.13
C GLU C 112 -27.16 7.75 12.22
N VAL C 113 -26.35 8.14 11.25
CA VAL C 113 -24.97 7.72 11.20
C VAL C 113 -23.98 8.87 11.38
N LEU C 114 -23.00 8.65 12.24
CA LEU C 114 -21.89 9.58 12.40
C LEU C 114 -20.52 8.93 12.09
N TYR C 115 -19.84 9.48 11.09
CA TYR C 115 -18.50 9.03 10.72
C TYR C 115 -17.56 10.24 10.71
N MET C 116 -16.56 10.21 11.59
CA MET C 116 -15.58 11.29 11.67
C MET C 116 -14.14 10.80 11.71
N PRO C 117 -13.54 10.54 10.54
CA PRO C 117 -12.11 10.23 10.48
C PRO C 117 -11.21 11.45 10.76
N SER C 118 -10.07 11.18 11.37
CA SER C 118 -8.99 12.16 11.46
C SER C 118 -8.19 12.04 10.17
N ILE C 119 -8.00 13.16 9.48
CA ILE C 119 -7.44 13.11 8.15
C ILE C 119 -6.28 14.07 7.98
N ARG C 120 -5.19 13.58 7.41
CA ARG C 120 -4.13 14.44 6.96
C ARG C 120 -4.15 14.52 5.45
N GLN C 121 -4.21 15.74 4.92
CA GLN C 121 -4.33 15.95 3.49
C GLN C 121 -3.72 17.29 3.05
N ARG C 122 -3.25 17.32 1.81
CA ARG C 122 -2.60 18.48 1.22
C ARG C 122 -3.51 19.14 0.22
N PHE C 123 -3.56 20.46 0.32
CA PHE C 123 -4.44 21.24 -0.53
C PHE C 123 -3.67 22.34 -1.26
N SER C 124 -4.20 22.68 -2.43
CA SER C 124 -3.83 23.84 -3.19
C SER C 124 -4.78 24.96 -2.82
N CYS C 125 -4.26 26.05 -2.26
CA CYS C 125 -5.13 27.18 -1.87
C CYS C 125 -4.33 28.46 -1.52
N ASP C 126 -5.03 29.57 -1.33
CA ASP C 126 -4.38 30.87 -1.15
C ASP C 126 -3.67 31.01 0.20
N VAL C 127 -2.35 30.94 0.16
CA VAL C 127 -1.52 31.00 1.35
C VAL C 127 -0.97 32.42 1.58
N SER C 128 -1.20 33.31 0.61
CA SER C 128 -0.65 34.68 0.72
C SER C 128 -1.17 35.32 1.99
N GLY C 129 -0.26 35.96 2.73
CA GLY C 129 -0.67 36.70 3.90
C GLY C 129 -0.52 35.93 5.17
N VAL C 130 0.04 34.72 5.08
CA VAL C 130 0.14 33.81 6.21
C VAL C 130 1.05 34.34 7.30
N ASP C 131 1.98 35.21 6.90
CA ASP C 131 2.93 35.82 7.81
C ASP C 131 2.54 37.19 8.32
N THR C 132 1.32 37.61 8.01
CA THR C 132 0.82 38.90 8.46
C THR C 132 -0.14 38.63 9.58
N GLU C 133 -0.86 39.66 10.01
CA GLU C 133 -1.80 39.49 11.13
C GLU C 133 -3.24 39.42 10.65
N SER C 134 -3.50 39.85 9.41
CA SER C 134 -4.79 39.58 8.78
C SER C 134 -4.85 38.07 8.50
N GLY C 135 -3.67 37.49 8.35
CA GLY C 135 -3.50 36.08 8.10
C GLY C 135 -3.77 35.71 6.66
N ALA C 136 -3.59 34.43 6.38
CA ALA C 136 -3.99 33.85 5.10
C ALA C 136 -5.38 33.27 5.23
N THR C 137 -6.08 33.13 4.12
CA THR C 137 -7.34 32.40 4.13
C THR C 137 -7.32 31.29 3.08
N CYS C 138 -7.24 30.05 3.56
CA CYS C 138 -7.27 28.88 2.71
C CYS C 138 -8.68 28.32 2.64
N ARG C 139 -9.19 28.11 1.42
CA ARG C 139 -10.54 27.63 1.19
C ARG C 139 -10.49 26.18 0.71
N ILE C 140 -11.21 25.29 1.39
CA ILE C 140 -11.28 23.87 1.00
C ILE C 140 -12.71 23.58 0.62
N LYS C 141 -12.95 23.03 -0.59
CA LYS C 141 -14.32 22.66 -0.98
C LYS C 141 -14.53 21.14 -0.95
N ILE C 142 -15.50 20.71 -0.14
CA ILE C 142 -15.77 19.28 -0.01
C ILE C 142 -17.20 18.97 -0.44
N GLY C 143 -17.35 18.04 -1.36
CA GLY C 143 -18.68 17.66 -1.80
C GLY C 143 -18.68 16.25 -2.37
N SER C 144 -19.84 15.73 -2.73
CA SER C 144 -19.89 14.43 -3.39
C SER C 144 -19.12 14.43 -4.70
N TRP C 145 -18.36 13.38 -4.98
CA TRP C 145 -17.64 13.35 -6.25
C TRP C 145 -18.57 12.96 -7.41
N THR C 146 -19.58 12.12 -7.16
CA THR C 146 -20.38 11.61 -8.27
C THR C 146 -21.88 11.83 -8.14
N HIS C 147 -22.34 12.32 -6.99
CA HIS C 147 -23.77 12.51 -6.79
C HIS C 147 -24.12 14.00 -6.84
N HIS C 148 -25.04 14.36 -7.74
CA HIS C 148 -25.48 15.75 -7.87
C HIS C 148 -26.48 16.10 -6.78
N SER C 149 -27.03 17.31 -6.85
CA SER C 149 -27.79 17.88 -5.75
C SER C 149 -29.11 17.20 -5.44
N ARG C 150 -29.65 16.45 -6.41
CA ARG C 150 -30.88 15.71 -6.16
C ARG C 150 -30.66 14.34 -5.49
N GLU C 151 -29.41 13.93 -5.36
CA GLU C 151 -29.08 12.65 -4.74
C GLU C 151 -28.40 12.84 -3.40
N ILE C 152 -27.43 13.76 -3.34
CA ILE C 152 -26.77 14.16 -2.09
C ILE C 152 -26.78 15.68 -1.93
N SER C 153 -27.26 16.16 -0.80
CA SER C 153 -27.12 17.56 -0.47
C SER C 153 -26.06 17.66 0.60
N VAL C 154 -25.29 18.74 0.57
CA VAL C 154 -24.20 18.92 1.50
C VAL C 154 -24.46 20.19 2.31
N ASP C 155 -24.53 20.05 3.63
CA ASP C 155 -24.74 21.19 4.51
C ASP C 155 -23.70 21.27 5.61
N PRO C 156 -23.30 22.48 5.99
CA PRO C 156 -22.51 22.70 7.20
C PRO C 156 -23.39 22.46 8.43
N THR C 157 -22.80 22.11 9.56
CA THR C 157 -23.59 21.92 10.78
C THR C 157 -24.03 23.25 11.36
N SER C 164 -11.97 25.04 15.78
CA SER C 164 -10.77 25.54 16.45
C SER C 164 -10.66 25.14 17.94
N GLU C 165 -11.64 24.42 18.46
CA GLU C 165 -11.65 23.99 19.86
C GLU C 165 -10.62 22.90 20.15
N TYR C 166 -10.30 22.15 19.12
CA TYR C 166 -9.43 20.99 19.19
C TYR C 166 -8.08 21.20 18.54
N PHE C 167 -7.86 22.39 18.00
CA PHE C 167 -6.60 22.71 17.33
C PHE C 167 -5.43 22.58 18.32
N SER C 168 -4.32 22.08 17.79
CA SER C 168 -3.10 21.82 18.55
C SER C 168 -2.43 23.13 18.99
N GLN C 169 -2.02 23.20 20.25
CA GLN C 169 -1.31 24.37 20.76
C GLN C 169 0.16 24.39 20.34
N TYR C 170 0.65 23.28 19.75
CA TYR C 170 2.07 23.14 19.39
C TYR C 170 2.31 23.34 17.90
N SER C 171 1.25 23.70 17.19
CA SER C 171 1.38 24.07 15.79
C SER C 171 2.19 25.37 15.73
N ARG C 172 2.84 25.63 14.58
CA ARG C 172 3.49 26.91 14.31
C ARG C 172 2.47 27.94 13.88
N PHE C 173 1.23 27.50 13.74
CA PHE C 173 0.17 28.34 13.24
C PHE C 173 -0.91 28.42 14.28
N GLU C 174 -1.78 29.41 14.14
CA GLU C 174 -2.95 29.53 14.98
C GLU C 174 -4.12 29.92 14.09
N ILE C 175 -5.32 29.62 14.55
CA ILE C 175 -6.50 29.86 13.74
C ILE C 175 -7.22 31.13 14.22
N LEU C 176 -7.45 32.04 13.28
CA LEU C 176 -8.12 33.29 13.57
C LEU C 176 -9.62 33.11 13.36
N ASP C 177 -9.99 32.35 12.33
CA ASP C 177 -11.41 32.12 12.10
C ASP C 177 -11.70 30.97 11.12
N VAL C 178 -12.85 30.32 11.27
CA VAL C 178 -13.32 29.30 10.32
C VAL C 178 -14.77 29.53 9.89
N THR C 179 -15.02 29.67 8.59
CA THR C 179 -16.41 29.79 8.11
C THR C 179 -16.76 28.62 7.19
N GLN C 180 -17.96 28.07 7.34
CA GLN C 180 -18.33 26.97 6.47
C GLN C 180 -19.63 27.31 5.76
N LYS C 181 -19.56 27.51 4.45
CA LYS C 181 -20.68 28.01 3.65
C LYS C 181 -21.09 27.03 2.57
N LYS C 182 -22.37 26.97 2.21
CA LYS C 182 -22.70 25.99 1.19
C LYS C 182 -22.69 26.58 -0.24
N ASN C 183 -22.11 25.80 -1.15
CA ASN C 183 -21.93 26.14 -2.54
C ASN C 183 -22.52 25.10 -3.44
N SER C 184 -22.57 25.46 -4.71
CA SER C 184 -23.14 24.59 -5.69
C SER C 184 -22.51 24.89 -7.02
N VAL C 185 -21.88 23.89 -7.63
CA VAL C 185 -21.17 24.10 -8.87
C VAL C 185 -21.82 23.34 -10.01
N THR C 186 -22.02 24.01 -11.14
CA THR C 186 -22.62 23.40 -12.32
C THR C 186 -21.53 23.33 -13.38
N TYR C 187 -21.59 22.34 -14.26
CA TYR C 187 -20.52 22.17 -15.23
C TYR C 187 -21.02 22.14 -16.67
N SER C 188 -20.14 22.42 -17.62
CA SER C 188 -20.48 22.40 -19.03
C SER C 188 -21.10 21.06 -19.40
N CYS C 189 -20.34 20.02 -19.12
CA CYS C 189 -20.68 18.65 -19.49
C CYS C 189 -22.06 18.20 -19.01
N CYS C 190 -22.48 18.70 -17.86
CA CYS C 190 -23.56 18.06 -17.10
C CYS C 190 -24.72 18.99 -16.72
N PRO C 191 -25.95 18.45 -16.73
CA PRO C 191 -27.12 19.31 -16.46
C PRO C 191 -27.39 19.67 -15.00
N GLU C 192 -26.80 18.96 -14.04
CA GLU C 192 -27.17 19.20 -12.64
C GLU C 192 -26.09 19.89 -11.83
N ALA C 193 -26.49 20.40 -10.68
CA ALA C 193 -25.55 21.11 -9.83
C ALA C 193 -25.05 20.17 -8.75
N TYR C 194 -23.78 20.35 -8.37
CA TYR C 194 -23.16 19.53 -7.34
C TYR C 194 -22.88 20.39 -6.13
N GLU C 195 -23.34 19.94 -4.97
CA GLU C 195 -23.21 20.71 -3.75
C GLU C 195 -21.86 20.50 -3.12
N ASP C 196 -21.41 21.48 -2.39
CA ASP C 196 -20.20 21.35 -1.64
C ASP C 196 -20.35 22.29 -0.46
N VAL C 197 -19.51 22.07 0.55
CA VAL C 197 -19.34 23.03 1.61
C VAL C 197 -17.95 23.63 1.41
N GLU C 198 -17.89 24.95 1.43
CA GLU C 198 -16.65 25.70 1.32
C GLU C 198 -16.26 26.08 2.72
N VAL C 199 -15.06 25.65 3.09
CA VAL C 199 -14.52 25.87 4.40
C VAL C 199 -13.37 26.85 4.30
N SER C 200 -13.57 28.01 4.89
CA SER C 200 -12.59 29.06 4.89
C SER C 200 -11.86 29.01 6.21
N LEU C 201 -10.58 28.73 6.08
CA LEU C 201 -9.66 28.65 7.18
C LEU C 201 -8.80 29.90 7.18
N ASN C 202 -9.09 30.82 8.09
CA ASN C 202 -8.31 32.02 8.24
C ASN C 202 -7.28 31.80 9.35
N PHE C 203 -6.00 31.73 8.97
CA PHE C 203 -4.93 31.34 9.90
C PHE C 203 -3.65 32.09 9.60
N ARG C 204 -2.79 32.22 10.61
CA ARG C 204 -1.50 32.88 10.41
C ARG C 204 -0.38 32.20 11.22
N LYS C 205 0.86 32.45 10.81
CA LYS C 205 2.00 31.95 11.53
C LYS C 205 2.12 32.68 12.87
N LYS C 206 2.43 31.92 13.92
CA LYS C 206 2.51 32.45 15.28
C LYS C 206 3.63 33.45 15.41
N GLY C 207 3.45 34.39 16.35
CA GLY C 207 4.43 35.42 16.62
C GLY C 207 5.33 35.04 17.78
N ASP D 4 -36.00 0.53 -8.88
CA ASP D 4 -35.29 1.51 -8.05
C ASP D 4 -33.78 1.27 -8.07
N ARG D 5 -33.03 2.02 -7.25
CA ARG D 5 -31.57 2.00 -7.33
C ARG D 5 -30.93 0.68 -6.86
N ALA D 6 -31.47 0.09 -5.81
CA ALA D 6 -30.99 -1.19 -5.34
C ALA D 6 -31.16 -2.23 -6.46
N ASP D 7 -32.28 -2.14 -7.17
CA ASP D 7 -32.57 -3.05 -8.27
C ASP D 7 -31.58 -2.85 -9.43
N ILE D 8 -31.27 -1.58 -9.75
CA ILE D 8 -30.33 -1.25 -10.84
C ILE D 8 -28.93 -1.77 -10.51
N LEU D 9 -28.47 -1.55 -9.28
CA LEU D 9 -27.17 -2.08 -8.84
C LEU D 9 -27.13 -3.63 -8.82
N TYR D 10 -28.22 -4.24 -8.36
CA TYR D 10 -28.31 -5.70 -8.33
C TYR D 10 -28.18 -6.18 -9.77
N ASN D 11 -28.90 -5.52 -10.66
CA ASN D 11 -28.92 -5.91 -12.06
C ASN D 11 -27.56 -5.76 -12.77
N ILE D 12 -26.87 -4.66 -12.48
CA ILE D 12 -25.51 -4.44 -12.93
C ILE D 12 -24.57 -5.53 -12.42
N ARG D 13 -24.69 -5.84 -11.14
CA ARG D 13 -23.89 -6.88 -10.53
C ARG D 13 -24.16 -8.25 -11.12
N GLN D 14 -25.41 -8.48 -11.54
CA GLN D 14 -25.77 -9.70 -12.22
C GLN D 14 -25.21 -9.75 -13.67
N THR D 15 -25.18 -8.62 -14.37
CA THR D 15 -24.90 -8.68 -15.81
C THR D 15 -23.49 -8.24 -16.21
N SER D 16 -22.86 -7.46 -15.34
CA SER D 16 -21.54 -6.94 -15.63
C SER D 16 -20.46 -8.00 -15.58
N ARG D 17 -19.60 -7.99 -16.59
CA ARG D 17 -18.45 -8.88 -16.57
C ARG D 17 -17.18 -8.03 -16.59
N PRO D 18 -16.62 -7.79 -15.40
CA PRO D 18 -15.53 -6.82 -15.17
C PRO D 18 -14.20 -7.16 -15.81
N ASP D 19 -13.97 -8.41 -16.20
CA ASP D 19 -12.69 -8.82 -16.79
C ASP D 19 -12.85 -9.14 -18.29
N VAL D 20 -14.05 -8.91 -18.80
CA VAL D 20 -14.38 -9.17 -20.20
C VAL D 20 -14.78 -7.87 -20.91
N ILE D 21 -14.02 -7.52 -21.94
CA ILE D 21 -14.30 -6.32 -22.72
C ILE D 21 -15.64 -6.44 -23.47
N PRO D 22 -16.51 -5.43 -23.31
CA PRO D 22 -17.88 -5.44 -23.84
C PRO D 22 -18.04 -4.87 -25.25
N THR D 23 -17.47 -5.57 -26.22
CA THR D 23 -17.64 -5.23 -27.62
C THR D 23 -19.05 -5.52 -28.11
N GLN D 24 -19.60 -4.61 -28.93
CA GLN D 24 -20.89 -4.83 -29.59
C GLN D 24 -20.54 -5.32 -30.95
N ARG D 25 -20.85 -6.59 -31.20
CA ARG D 25 -20.46 -7.32 -32.40
C ARG D 25 -18.94 -7.11 -32.51
N ASP D 26 -18.38 -7.27 -33.70
CA ASP D 26 -16.94 -7.11 -33.85
C ASP D 26 -16.53 -5.67 -34.20
N ARG D 27 -17.34 -4.73 -33.70
CA ARG D 27 -16.94 -3.34 -33.71
C ARG D 27 -16.09 -3.14 -32.45
N PRO D 28 -15.25 -2.10 -32.44
CA PRO D 28 -14.41 -1.91 -31.26
C PRO D 28 -15.18 -1.17 -30.16
N VAL D 29 -14.72 -1.24 -28.92
CA VAL D 29 -15.31 -0.41 -27.87
C VAL D 29 -14.73 0.99 -27.99
N ALA D 30 -15.60 1.99 -28.13
CA ALA D 30 -15.12 3.36 -28.29
C ALA D 30 -14.97 4.10 -26.99
N VAL D 31 -13.74 4.33 -26.58
CA VAL D 31 -13.51 5.08 -25.37
C VAL D 31 -13.16 6.52 -25.72
N SER D 32 -13.88 7.44 -25.08
CA SER D 32 -13.56 8.85 -25.17
C SER D 32 -12.76 9.24 -23.94
N VAL D 33 -11.65 9.95 -24.18
CA VAL D 33 -10.76 10.38 -23.11
C VAL D 33 -10.48 11.87 -23.19
N SER D 34 -10.59 12.54 -22.05
CA SER D 34 -10.30 13.96 -21.95
C SER D 34 -9.65 14.30 -20.61
N LEU D 35 -8.48 14.92 -20.63
CA LEU D 35 -7.80 15.34 -19.40
C LEU D 35 -8.15 16.77 -19.02
N LYS D 36 -8.61 16.96 -17.79
CA LYS D 36 -8.89 18.30 -17.29
C LYS D 36 -7.85 18.67 -16.25
N PHE D 37 -6.89 19.51 -16.61
CA PHE D 37 -5.76 19.81 -15.72
C PHE D 37 -6.17 20.70 -14.56
N ILE D 38 -5.75 20.32 -13.36
CA ILE D 38 -6.18 21.00 -12.15
C ILE D 38 -5.01 21.72 -11.49
N ASN D 39 -3.83 21.12 -11.59
CA ASN D 39 -2.67 21.72 -10.99
C ASN D 39 -1.35 21.23 -11.61
N ILE D 40 -0.32 22.07 -11.49
CA ILE D 40 1.06 21.67 -11.78
C ILE D 40 1.81 21.91 -10.48
N LEU D 41 2.29 20.83 -9.89
CA LEU D 41 2.76 20.84 -8.50
C LEU D 41 4.25 20.93 -8.43
N GLU D 42 4.90 20.20 -9.32
CA GLU D 42 6.35 20.23 -9.36
C GLU D 42 6.81 20.21 -10.79
N VAL D 43 7.87 20.94 -11.06
CA VAL D 43 8.41 21.05 -12.39
C VAL D 43 9.91 21.02 -12.25
N ASN D 44 10.56 20.23 -13.09
CA ASN D 44 12.00 20.14 -13.03
C ASN D 44 12.58 20.24 -14.41
N GLU D 45 13.15 21.40 -14.71
CA GLU D 45 13.67 21.72 -16.03
C GLU D 45 14.97 20.97 -16.37
N ILE D 46 15.74 20.58 -15.35
CA ILE D 46 16.95 19.81 -15.58
C ILE D 46 16.66 18.33 -15.89
N THR D 47 15.70 17.72 -15.16
CA THR D 47 15.42 16.29 -15.36
C THR D 47 14.30 16.00 -16.34
N ASN D 48 13.57 17.05 -16.74
CA ASN D 48 12.41 16.90 -17.61
C ASN D 48 11.30 16.04 -16.96
N GLU D 49 10.91 16.40 -15.75
CA GLU D 49 9.89 15.69 -15.03
C GLU D 49 8.84 16.65 -14.51
N VAL D 50 7.58 16.28 -14.63
CA VAL D 50 6.52 17.13 -14.08
C VAL D 50 5.57 16.33 -13.20
N ASP D 51 5.03 17.01 -12.21
CA ASP D 51 4.06 16.43 -11.34
C ASP D 51 2.72 17.12 -11.59
N VAL D 52 1.74 16.37 -12.07
CA VAL D 52 0.47 16.93 -12.50
C VAL D 52 -0.72 16.35 -11.71
N VAL D 53 -1.76 17.16 -11.50
CA VAL D 53 -3.05 16.69 -11.01
C VAL D 53 -4.07 16.91 -12.12
N PHE D 54 -4.81 15.88 -12.48
CA PHE D 54 -5.79 16.05 -13.56
C PHE D 54 -7.01 15.16 -13.35
N TRP D 55 -8.15 15.60 -13.88
CA TRP D 55 -9.33 14.77 -13.92
C TRP D 55 -9.34 13.97 -15.20
N GLN D 56 -9.35 12.65 -15.11
CA GLN D 56 -9.30 11.84 -16.32
C GLN D 56 -10.69 11.39 -16.76
N GLN D 57 -11.34 12.24 -17.56
CA GLN D 57 -12.67 11.94 -18.08
C GLN D 57 -12.62 10.78 -19.05
N THR D 58 -13.30 9.71 -18.66
CA THR D 58 -13.32 8.49 -19.45
C THR D 58 -14.75 8.03 -19.65
N THR D 59 -15.17 7.92 -20.90
CA THR D 59 -16.53 7.48 -21.18
C THR D 59 -16.49 6.35 -22.19
N TRP D 60 -17.48 5.45 -22.08
CA TRP D 60 -17.63 4.36 -23.04
C TRP D 60 -19.01 3.73 -22.89
N SER D 61 -19.39 2.84 -23.79
CA SER D 61 -20.71 2.24 -23.70
C SER D 61 -20.62 0.76 -23.41
N ASP D 62 -21.46 0.26 -22.49
CA ASP D 62 -21.59 -1.17 -22.17
C ASP D 62 -23.08 -1.48 -22.07
N ARG D 63 -23.65 -2.06 -23.12
CA ARG D 63 -25.10 -2.25 -23.17
C ARG D 63 -25.61 -3.35 -22.23
N THR D 64 -24.70 -4.18 -21.69
CA THR D 64 -25.12 -5.24 -20.77
C THR D 64 -25.59 -4.65 -19.45
N LEU D 65 -25.31 -3.36 -19.27
CA LEU D 65 -25.68 -2.66 -18.06
C LEU D 65 -26.97 -1.93 -18.29
N ALA D 66 -27.47 -1.94 -19.51
CA ALA D 66 -28.65 -1.15 -19.86
C ALA D 66 -29.89 -1.58 -19.06
N TRP D 67 -30.80 -0.65 -18.84
CA TRP D 67 -32.07 -0.98 -18.20
C TRP D 67 -33.18 -0.04 -18.69
N ASN D 68 -34.42 -0.48 -18.55
CA ASN D 68 -35.57 0.34 -18.90
C ASN D 68 -35.80 1.32 -17.76
N SER D 69 -35.65 2.60 -18.03
CA SER D 69 -35.73 3.61 -16.98
C SER D 69 -37.03 4.39 -17.07
N SER D 70 -38.09 3.72 -17.55
CA SER D 70 -39.37 4.39 -17.83
C SER D 70 -39.92 5.11 -16.61
N HIS D 71 -40.01 4.43 -15.48
CA HIS D 71 -40.42 5.12 -14.29
C HIS D 71 -39.38 4.83 -13.21
N SER D 72 -38.12 4.90 -13.58
CA SER D 72 -37.03 4.64 -12.64
C SER D 72 -35.91 5.65 -12.89
N PRO D 73 -34.91 5.69 -11.98
CA PRO D 73 -33.77 6.58 -12.24
C PRO D 73 -32.97 6.19 -13.48
N ASP D 74 -32.41 7.18 -14.17
CA ASP D 74 -31.71 6.94 -15.43
C ASP D 74 -30.21 6.83 -15.22
N GLN D 75 -29.76 7.07 -13.99
CA GLN D 75 -28.34 7.06 -13.64
C GLN D 75 -28.05 6.58 -12.23
N VAL D 76 -26.93 5.89 -12.10
CA VAL D 76 -26.50 5.46 -10.78
C VAL D 76 -25.00 5.60 -10.59
N SER D 77 -24.56 5.68 -9.34
CA SER D 77 -23.13 5.61 -9.00
C SER D 77 -22.76 4.18 -8.62
N VAL D 78 -21.67 3.68 -9.20
CA VAL D 78 -21.30 2.28 -9.09
C VAL D 78 -19.81 2.17 -8.84
N PRO D 79 -19.38 1.33 -7.87
CA PRO D 79 -17.94 1.11 -7.71
C PRO D 79 -17.35 0.58 -9.00
N ILE D 80 -16.15 1.01 -9.36
CA ILE D 80 -15.58 0.56 -10.63
C ILE D 80 -15.18 -0.89 -10.55
N SER D 81 -15.05 -1.42 -9.33
CA SER D 81 -14.68 -2.83 -9.18
C SER D 81 -15.80 -3.73 -9.68
N SER D 82 -17.00 -3.15 -9.85
CA SER D 82 -18.14 -3.89 -10.37
C SER D 82 -18.25 -3.81 -11.88
N LEU D 83 -17.35 -3.04 -12.51
CA LEU D 83 -17.47 -2.77 -13.94
C LEU D 83 -16.22 -3.12 -14.72
N TRP D 84 -16.42 -3.38 -16.01
CA TRP D 84 -15.27 -3.36 -16.89
C TRP D 84 -14.90 -1.91 -17.07
N VAL D 85 -13.60 -1.63 -16.95
CA VAL D 85 -13.03 -0.32 -17.26
C VAL D 85 -11.85 -0.58 -18.18
N PRO D 86 -11.61 0.35 -19.14
CA PRO D 86 -10.49 0.21 -20.06
C PRO D 86 -9.15 0.29 -19.37
N ASP D 87 -8.21 -0.53 -19.81
CA ASP D 87 -6.87 -0.58 -19.23
C ASP D 87 -5.94 0.53 -19.76
N LEU D 88 -6.42 1.77 -19.65
CA LEU D 88 -5.69 2.92 -20.14
C LEU D 88 -4.49 3.12 -19.28
N ALA D 89 -3.42 3.55 -19.91
CA ALA D 89 -2.19 3.85 -19.21
C ALA D 89 -1.52 5.00 -19.94
N ALA D 90 -0.80 5.82 -19.18
CA ALA D 90 0.01 6.91 -19.70
C ALA D 90 1.39 6.41 -20.06
N TYR D 91 1.77 6.60 -21.33
CA TYR D 91 2.99 6.01 -21.84
C TYR D 91 4.29 6.65 -21.31
N ASN D 92 4.27 7.95 -20.99
CA ASN D 92 5.49 8.56 -20.45
C ASN D 92 5.42 8.85 -18.97
N ALA D 93 4.47 8.21 -18.29
CA ALA D 93 4.37 8.31 -16.82
C ALA D 93 5.57 7.65 -16.15
N ILE D 94 6.02 8.23 -15.05
CA ILE D 94 7.13 7.66 -14.31
C ILE D 94 6.79 7.39 -12.85
N SER D 95 5.51 7.50 -12.51
CA SER D 95 5.01 7.08 -11.21
C SER D 95 3.67 6.34 -11.37
N LYS D 96 3.26 5.61 -10.35
CA LYS D 96 1.92 5.05 -10.37
C LYS D 96 0.85 6.16 -10.36
N PRO D 97 -0.20 6.00 -11.17
CA PRO D 97 -1.27 6.97 -11.02
C PRO D 97 -1.84 6.92 -9.61
N GLU D 98 -1.88 8.03 -8.92
CA GLU D 98 -2.42 8.08 -7.57
C GLU D 98 -3.86 8.61 -7.61
N VAL D 99 -4.84 7.76 -7.41
CA VAL D 99 -6.22 8.21 -7.49
C VAL D 99 -6.63 8.92 -6.21
N LEU D 100 -7.08 10.15 -6.37
CA LEU D 100 -7.33 10.99 -5.19
C LEU D 100 -8.79 10.97 -4.77
N THR D 101 -9.65 10.45 -5.63
CA THR D 101 -11.09 10.52 -5.44
C THR D 101 -11.72 9.16 -5.23
N PRO D 102 -12.95 9.13 -4.68
CA PRO D 102 -13.65 7.84 -4.55
C PRO D 102 -13.76 7.17 -5.90
N GLN D 103 -13.43 5.91 -5.96
CA GLN D 103 -13.36 5.20 -7.22
C GLN D 103 -14.71 4.66 -7.62
N LEU D 104 -15.55 5.59 -8.07
CA LEU D 104 -16.92 5.34 -8.49
C LEU D 104 -17.15 5.83 -9.93
N ALA D 105 -17.85 5.05 -10.74
CA ALA D 105 -18.25 5.47 -12.08
C ALA D 105 -19.73 5.79 -12.08
N ARG D 106 -20.14 6.61 -13.04
CA ARG D 106 -21.54 6.95 -13.22
C ARG D 106 -22.07 6.11 -14.39
N VAL D 107 -23.18 5.39 -14.20
CA VAL D 107 -23.76 4.57 -15.26
C VAL D 107 -25.18 5.04 -15.60
N VAL D 108 -25.37 5.34 -16.89
CA VAL D 108 -26.65 5.80 -17.43
C VAL D 108 -27.42 4.60 -17.97
N SER D 109 -28.75 4.71 -18.00
CA SER D 109 -29.62 3.55 -18.32
C SER D 109 -29.38 2.95 -19.71
N ASP D 110 -28.75 3.69 -20.62
CA ASP D 110 -28.42 3.15 -21.94
C ASP D 110 -27.08 2.38 -21.98
N GLY D 111 -26.43 2.26 -20.83
CA GLY D 111 -25.21 1.47 -20.70
C GLY D 111 -23.96 2.32 -20.86
N GLU D 112 -24.19 3.64 -20.84
CA GLU D 112 -23.13 4.62 -21.00
C GLU D 112 -22.43 4.77 -19.66
N VAL D 113 -21.11 4.67 -19.65
CA VAL D 113 -20.33 4.80 -18.43
C VAL D 113 -19.41 6.02 -18.45
N LEU D 114 -19.48 6.80 -17.37
CA LEU D 114 -18.58 7.91 -17.12
C LEU D 114 -17.79 7.63 -15.84
N TYR D 115 -16.47 7.54 -16.00
CA TYR D 115 -15.53 7.41 -14.91
C TYR D 115 -14.48 8.52 -15.03
N MET D 116 -14.43 9.40 -14.03
CA MET D 116 -13.46 10.47 -13.99
C MET D 116 -12.77 10.59 -12.64
N PRO D 117 -11.71 9.80 -12.44
CA PRO D 117 -10.89 9.95 -11.24
C PRO D 117 -10.05 11.24 -11.26
N SER D 118 -9.83 11.84 -10.08
CA SER D 118 -8.74 12.82 -10.01
C SER D 118 -7.45 12.06 -9.72
N ILE D 119 -6.45 12.35 -10.54
CA ILE D 119 -5.19 11.61 -10.56
C ILE D 119 -3.99 12.54 -10.38
N ARG D 120 -3.09 12.17 -9.50
CA ARG D 120 -1.83 12.87 -9.40
C ARG D 120 -0.76 11.96 -9.97
N GLN D 121 0.02 12.43 -10.94
CA GLN D 121 0.98 11.54 -11.59
C GLN D 121 2.22 12.29 -12.07
N ARG D 122 3.36 11.60 -12.13
CA ARG D 122 4.60 12.22 -12.59
C ARG D 122 4.93 11.71 -13.98
N PHE D 123 5.33 12.64 -14.84
CA PHE D 123 5.61 12.32 -16.23
C PHE D 123 6.99 12.77 -16.62
N SER D 124 7.52 12.07 -17.62
CA SER D 124 8.71 12.48 -18.32
C SER D 124 8.28 13.24 -19.57
N CYS D 125 8.67 14.50 -19.68
CA CYS D 125 8.32 15.27 -20.87
C CYS D 125 9.12 16.58 -20.93
N ASP D 126 9.02 17.27 -22.06
CA ASP D 126 9.83 18.45 -22.29
C ASP D 126 9.38 19.65 -21.47
N VAL D 127 10.20 19.98 -20.49
CA VAL D 127 9.92 21.07 -19.58
C VAL D 127 10.68 22.36 -20.03
N SER D 128 11.52 22.24 -21.05
CA SER D 128 12.31 23.37 -21.52
C SER D 128 11.43 24.53 -21.98
N GLY D 129 11.73 25.72 -21.49
CA GLY D 129 11.01 26.91 -21.90
C GLY D 129 9.96 27.31 -20.87
N VAL D 130 9.91 26.60 -19.75
CA VAL D 130 8.86 26.86 -18.77
C VAL D 130 9.02 28.26 -18.14
N ASP D 131 10.25 28.78 -18.10
CA ASP D 131 10.46 30.07 -17.45
C ASP D 131 10.41 31.21 -18.44
N THR D 132 9.96 30.90 -19.67
CA THR D 132 9.78 31.87 -20.74
C THR D 132 8.30 32.15 -21.06
N GLU D 133 8.04 32.86 -22.16
CA GLU D 133 6.65 33.15 -22.54
C GLU D 133 6.13 32.29 -23.69
N SER D 134 7.02 31.62 -24.40
CA SER D 134 6.56 30.55 -25.26
C SER D 134 6.02 29.40 -24.36
N GLY D 135 6.56 29.30 -23.14
CA GLY D 135 6.17 28.28 -22.20
C GLY D 135 6.80 26.93 -22.54
N ALA D 136 6.53 25.93 -21.70
CA ALA D 136 6.88 24.57 -22.06
C ALA D 136 5.66 23.88 -22.68
N THR D 137 5.91 22.85 -23.50
CA THR D 137 4.83 22.00 -23.95
C THR D 137 5.11 20.54 -23.58
N CYS D 138 4.37 20.07 -22.58
CA CYS D 138 4.49 18.72 -22.06
C CYS D 138 3.47 17.84 -22.77
N ARG D 139 3.90 16.74 -23.36
CA ARG D 139 2.96 15.88 -24.07
C ARG D 139 2.72 14.52 -23.39
N ILE D 140 1.44 14.23 -23.14
CA ILE D 140 1.04 13.00 -22.47
C ILE D 140 0.22 12.11 -23.39
N LYS D 141 0.65 10.85 -23.52
CA LYS D 141 -0.06 9.87 -24.33
C LYS D 141 -0.79 8.83 -23.47
N ILE D 142 -2.09 8.71 -23.68
CA ILE D 142 -2.90 7.76 -22.94
C ILE D 142 -3.62 6.80 -23.86
N GLY D 143 -3.44 5.50 -23.65
CA GLY D 143 -4.16 4.51 -24.47
C GLY D 143 -4.27 3.15 -23.78
N SER D 144 -5.04 2.23 -24.38
CA SER D 144 -5.14 0.88 -23.83
C SER D 144 -3.80 0.21 -23.86
N TRP D 145 -3.44 -0.47 -22.77
CA TRP D 145 -2.16 -1.13 -22.69
C TRP D 145 -2.13 -2.45 -23.45
N THR D 146 -3.25 -3.16 -23.48
CA THR D 146 -3.19 -4.50 -24.04
C THR D 146 -4.22 -4.77 -25.12
N HIS D 147 -5.14 -3.83 -25.33
CA HIS D 147 -6.17 -4.01 -26.36
C HIS D 147 -5.83 -3.14 -27.58
N HIS D 148 -5.66 -3.77 -28.73
CA HIS D 148 -5.34 -3.04 -29.96
C HIS D 148 -6.61 -2.41 -30.55
N SER D 149 -6.46 -1.73 -31.69
CA SER D 149 -7.50 -0.84 -32.21
C SER D 149 -8.75 -1.57 -32.66
N ARG D 150 -8.65 -2.88 -32.89
CA ARG D 150 -9.83 -3.63 -33.28
C ARG D 150 -10.65 -3.99 -32.03
N GLU D 151 -10.07 -3.78 -30.84
CA GLU D 151 -10.78 -4.03 -29.56
C GLU D 151 -11.10 -2.72 -28.79
N ILE D 152 -10.14 -1.80 -28.73
CA ILE D 152 -10.43 -0.50 -28.12
C ILE D 152 -10.03 0.63 -29.05
N SER D 153 -10.96 1.56 -29.31
CA SER D 153 -10.61 2.79 -30.02
C SER D 153 -10.57 3.88 -28.98
N VAL D 154 -9.65 4.83 -29.13
CA VAL D 154 -9.53 5.92 -28.17
C VAL D 154 -9.62 7.25 -28.91
N ASP D 155 -10.61 8.08 -28.56
CA ASP D 155 -10.78 9.40 -29.18
C ASP D 155 -10.91 10.50 -28.16
N PRO D 156 -10.48 11.72 -28.52
CA PRO D 156 -10.78 12.90 -27.69
C PRO D 156 -12.27 13.23 -27.64
N THR D 157 -12.68 13.92 -26.59
CA THR D 157 -14.05 14.44 -26.41
C THR D 157 -14.33 15.71 -27.23
N THR D 158 -13.57 16.76 -26.93
CA THR D 158 -13.60 18.04 -27.65
C THR D 158 -12.20 18.56 -27.91
N ASP D 162 -13.37 23.74 -20.16
CA ASP D 162 -12.74 22.96 -21.22
C ASP D 162 -11.74 22.03 -20.59
N ASP D 163 -10.49 22.10 -21.06
CA ASP D 163 -9.43 21.30 -20.46
C ASP D 163 -8.58 22.09 -19.48
N SER D 164 -8.95 23.35 -19.25
CA SER D 164 -8.10 24.24 -18.46
C SER D 164 -8.86 25.25 -17.62
N GLU D 165 -10.19 25.16 -17.67
CA GLU D 165 -11.03 26.05 -16.90
C GLU D 165 -11.02 25.82 -15.40
N TYR D 166 -10.76 24.57 -15.01
CA TYR D 166 -10.89 24.19 -13.61
C TYR D 166 -9.52 24.16 -12.96
N PHE D 167 -8.53 24.61 -13.74
CA PHE D 167 -7.14 24.71 -13.31
C PHE D 167 -7.00 25.66 -12.13
N SER D 168 -6.15 25.31 -11.18
CA SER D 168 -6.05 26.08 -9.97
C SER D 168 -5.47 27.46 -10.25
N GLN D 169 -6.12 28.49 -9.70
CA GLN D 169 -5.62 29.86 -9.85
C GLN D 169 -4.43 30.10 -8.91
N TYR D 170 -4.22 29.16 -7.98
CA TYR D 170 -3.21 29.33 -6.93
C TYR D 170 -1.92 28.58 -7.21
N SER D 171 -1.87 27.94 -8.38
CA SER D 171 -0.66 27.30 -8.88
C SER D 171 0.42 28.34 -9.18
N ARG D 172 1.67 27.92 -9.26
CA ARG D 172 2.77 28.78 -9.68
C ARG D 172 2.78 28.89 -11.20
N PHE D 173 1.96 28.07 -11.86
CA PHE D 173 1.95 27.98 -13.31
C PHE D 173 0.59 28.32 -13.88
N GLU D 174 0.56 28.64 -15.17
CA GLU D 174 -0.71 28.90 -15.85
C GLU D 174 -0.75 28.19 -17.19
N ILE D 175 -1.93 27.91 -17.68
CA ILE D 175 -2.04 27.16 -18.92
C ILE D 175 -2.28 28.10 -20.09
N LEU D 176 -1.41 27.97 -21.09
CA LEU D 176 -1.47 28.79 -22.26
C LEU D 176 -2.30 28.09 -23.30
N ASP D 177 -2.22 26.76 -23.31
CA ASP D 177 -3.02 26.03 -24.27
C ASP D 177 -3.07 24.54 -23.93
N VAL D 178 -4.16 23.90 -24.32
CA VAL D 178 -4.29 22.44 -24.24
C VAL D 178 -4.81 21.94 -25.57
N THR D 179 -4.05 21.08 -26.24
CA THR D 179 -4.58 20.48 -27.47
C THR D 179 -4.64 18.96 -27.33
N GLN D 180 -5.70 18.33 -27.83
CA GLN D 180 -5.79 16.88 -27.74
C GLN D 180 -6.00 16.26 -29.12
N LYS D 181 -5.03 15.46 -29.58
CA LYS D 181 -5.04 14.82 -30.89
C LYS D 181 -4.96 13.28 -30.82
N LYS D 182 -5.52 12.59 -31.80
CA LYS D 182 -5.49 11.14 -31.78
C LYS D 182 -4.31 10.53 -32.52
N ASN D 183 -3.72 9.50 -31.94
CA ASN D 183 -2.59 8.78 -32.56
C ASN D 183 -2.93 7.31 -32.73
N SER D 184 -2.13 6.68 -33.55
CA SER D 184 -2.33 5.29 -33.90
C SER D 184 -1.03 4.64 -34.30
N VAL D 185 -0.50 3.79 -33.43
CA VAL D 185 0.83 3.24 -33.63
C VAL D 185 0.91 1.75 -33.82
N THR D 186 1.70 1.32 -34.80
CA THR D 186 1.98 -0.09 -34.97
C THR D 186 3.44 -0.28 -34.58
N TYR D 187 3.75 -1.46 -34.06
CA TYR D 187 5.06 -1.73 -33.52
C TYR D 187 5.67 -2.89 -34.28
N SER D 188 6.99 -2.96 -34.19
CA SER D 188 7.77 -4.01 -34.82
C SER D 188 7.20 -5.38 -34.47
N CYS D 189 7.09 -5.64 -33.17
CA CYS D 189 6.68 -6.94 -32.62
C CYS D 189 5.33 -7.52 -33.05
N CYS D 190 4.34 -6.65 -33.24
CA CYS D 190 2.93 -7.07 -33.26
C CYS D 190 2.21 -6.61 -34.52
N PRO D 191 1.28 -7.45 -35.02
CA PRO D 191 0.56 -7.19 -36.27
C PRO D 191 -0.52 -6.12 -36.15
N GLU D 192 -0.84 -5.65 -34.94
CA GLU D 192 -1.94 -4.68 -34.81
C GLU D 192 -1.51 -3.27 -34.37
N ALA D 193 -2.43 -2.32 -34.55
CA ALA D 193 -2.20 -0.93 -34.15
C ALA D 193 -2.93 -0.58 -32.86
N TYR D 194 -2.29 0.24 -32.04
CA TYR D 194 -2.84 0.67 -30.76
C TYR D 194 -3.08 2.16 -30.78
N GLU D 195 -4.29 2.52 -30.41
CA GLU D 195 -4.72 3.89 -30.43
C GLU D 195 -4.40 4.60 -29.13
N ASP D 196 -4.14 5.90 -29.20
CA ASP D 196 -3.95 6.70 -28.00
C ASP D 196 -4.45 8.13 -28.23
N VAL D 197 -4.65 8.85 -27.13
CA VAL D 197 -4.88 10.28 -27.21
C VAL D 197 -3.62 10.98 -26.71
N GLU D 198 -3.17 11.97 -27.49
CA GLU D 198 -2.03 12.80 -27.15
C GLU D 198 -2.52 14.18 -26.70
N VAL D 199 -2.13 14.55 -25.48
CA VAL D 199 -2.52 15.79 -24.83
C VAL D 199 -1.31 16.70 -24.65
N SER D 200 -1.42 17.86 -25.27
CA SER D 200 -0.38 18.85 -25.26
C SER D 200 -0.72 19.94 -24.27
N LEU D 201 0.10 20.01 -23.22
CA LEU D 201 -0.08 20.98 -22.18
C LEU D 201 0.96 22.09 -22.32
N ASN D 202 0.49 23.24 -22.82
CA ASN D 202 1.33 24.42 -22.97
C ASN D 202 1.11 25.29 -21.75
N PHE D 203 2.17 25.38 -20.94
CA PHE D 203 2.06 26.03 -19.64
C PHE D 203 3.36 26.75 -19.33
N ARG D 204 3.29 27.73 -18.44
CA ARG D 204 4.49 28.45 -18.03
C ARG D 204 4.43 28.90 -16.59
N LYS D 205 5.61 29.21 -16.04
CA LYS D 205 5.69 29.82 -14.72
C LYS D 205 5.13 31.24 -14.84
N LYS D 206 4.33 31.66 -13.87
CA LYS D 206 3.82 33.02 -13.88
C LYS D 206 4.93 34.02 -13.65
N ASP E 4 -17.55 -16.92 -27.18
CA ASP E 4 -17.22 -15.51 -27.02
C ASP E 4 -16.09 -15.31 -26.00
N ARG E 5 -15.80 -14.06 -25.64
CA ARG E 5 -14.66 -13.75 -24.79
C ARG E 5 -14.88 -14.21 -23.36
N ALA E 6 -16.11 -14.07 -22.88
CA ALA E 6 -16.47 -14.56 -21.55
C ALA E 6 -16.26 -16.08 -21.46
N ASP E 7 -16.55 -16.79 -22.53
CA ASP E 7 -16.39 -18.25 -22.55
C ASP E 7 -14.93 -18.59 -22.42
N ILE E 8 -14.10 -17.84 -23.13
CA ILE E 8 -12.67 -18.09 -23.09
C ILE E 8 -12.10 -17.79 -21.71
N LEU E 9 -12.54 -16.68 -21.10
CA LEU E 9 -12.09 -16.37 -19.75
C LEU E 9 -12.56 -17.45 -18.76
N TYR E 10 -13.78 -17.92 -18.94
CA TYR E 10 -14.26 -19.01 -18.11
C TYR E 10 -13.43 -20.29 -18.25
N ASN E 11 -13.15 -20.67 -19.48
CA ASN E 11 -12.40 -21.88 -19.73
C ASN E 11 -10.98 -21.77 -19.17
N ILE E 12 -10.36 -20.62 -19.36
CA ILE E 12 -9.06 -20.35 -18.74
C ILE E 12 -9.12 -20.45 -17.22
N ARG E 13 -10.12 -19.86 -16.59
CA ARG E 13 -10.26 -20.00 -15.15
C ARG E 13 -10.46 -21.44 -14.74
N GLN E 14 -11.11 -22.24 -15.57
CA GLN E 14 -11.31 -23.66 -15.27
C GLN E 14 -10.05 -24.49 -15.39
N THR E 15 -9.17 -24.14 -16.32
CA THR E 15 -8.02 -25.03 -16.57
C THR E 15 -6.74 -24.44 -15.99
N SER E 16 -6.70 -23.12 -15.81
CA SER E 16 -5.52 -22.46 -15.27
C SER E 16 -5.31 -22.71 -13.78
N ARG E 17 -4.09 -23.03 -13.42
CA ARG E 17 -3.71 -23.14 -12.04
C ARG E 17 -2.68 -22.07 -11.78
N PRO E 18 -3.12 -20.91 -11.26
CA PRO E 18 -2.23 -19.76 -11.15
C PRO E 18 -1.08 -20.04 -10.20
N ASP E 19 -1.22 -21.05 -9.35
CA ASP E 19 -0.19 -21.34 -8.35
C ASP E 19 0.67 -22.52 -8.72
N VAL E 20 0.36 -23.14 -9.85
CA VAL E 20 1.06 -24.32 -10.33
C VAL E 20 1.74 -24.04 -11.66
N ILE E 21 3.06 -24.24 -11.67
CA ILE E 21 3.88 -24.04 -12.84
C ILE E 21 3.49 -25.04 -13.95
N PRO E 22 3.29 -24.54 -15.18
CA PRO E 22 2.77 -25.40 -16.26
C PRO E 22 3.86 -26.14 -17.05
N THR E 23 4.61 -26.98 -16.37
CA THR E 23 5.59 -27.86 -16.99
C THR E 23 4.88 -29.01 -17.69
N GLN E 24 5.34 -29.37 -18.88
CA GLN E 24 4.77 -30.50 -19.62
C GLN E 24 5.66 -31.72 -19.53
N ARG E 25 5.17 -32.75 -18.85
CA ARG E 25 5.89 -34.01 -18.61
C ARG E 25 7.31 -33.65 -18.17
N ASP E 26 7.40 -33.16 -16.93
CA ASP E 26 8.64 -32.65 -16.33
C ASP E 26 9.73 -32.01 -17.25
N ARG E 27 9.38 -31.48 -18.42
CA ARG E 27 10.38 -30.64 -19.10
C ARG E 27 10.10 -29.19 -18.61
N PRO E 28 11.06 -28.26 -18.80
CA PRO E 28 10.87 -26.91 -18.22
C PRO E 28 9.91 -25.99 -18.94
N VAL E 29 9.44 -24.98 -18.21
CA VAL E 29 8.73 -23.87 -18.85
C VAL E 29 9.79 -22.96 -19.42
N ALA E 30 9.69 -22.69 -20.72
CA ALA E 30 10.64 -21.81 -21.40
C ALA E 30 10.09 -20.40 -21.34
N VAL E 31 10.71 -19.55 -20.52
CA VAL E 31 10.29 -18.18 -20.38
C VAL E 31 11.25 -17.28 -21.14
N SER E 32 10.67 -16.45 -22.00
CA SER E 32 11.43 -15.47 -22.74
C SER E 32 11.29 -14.12 -22.06
N VAL E 33 12.42 -13.47 -21.80
CA VAL E 33 12.42 -12.17 -21.15
C VAL E 33 13.30 -11.16 -21.90
N SER E 34 12.74 -9.98 -22.10
CA SER E 34 13.46 -8.91 -22.77
C SER E 34 13.08 -7.57 -22.18
N LEU E 35 14.09 -6.78 -21.81
CA LEU E 35 13.86 -5.44 -21.30
C LEU E 35 13.90 -4.37 -22.40
N LYS E 36 12.86 -3.56 -22.48
CA LYS E 36 12.82 -2.41 -23.39
C LYS E 36 12.90 -1.13 -22.56
N PHE E 37 14.05 -0.47 -22.57
CA PHE E 37 14.26 0.69 -21.73
C PHE E 37 13.45 1.91 -22.19
N ILE E 38 12.84 2.59 -21.21
CA ILE E 38 11.95 3.73 -21.49
C ILE E 38 12.53 5.02 -20.95
N ASN E 39 13.20 4.93 -19.81
CA ASN E 39 13.83 6.09 -19.20
C ASN E 39 14.91 5.69 -18.23
N ILE E 40 15.89 6.57 -18.02
CA ILE E 40 16.82 6.43 -16.92
C ILE E 40 16.61 7.71 -16.11
N LEU E 41 16.12 7.56 -14.89
CA LEU E 41 15.49 8.68 -14.19
C LEU E 41 16.40 9.37 -13.18
N GLU E 42 17.13 8.56 -12.43
CA GLU E 42 18.05 9.09 -11.46
C GLU E 42 19.28 8.22 -11.56
N VAL E 43 20.45 8.81 -11.40
CA VAL E 43 21.67 8.05 -11.54
C VAL E 43 22.60 8.61 -10.50
N ASN E 44 23.30 7.74 -9.78
CA ASN E 44 24.19 8.19 -8.74
C ASN E 44 25.53 7.47 -8.82
N GLU E 45 26.57 8.14 -9.28
CA GLU E 45 27.86 7.49 -9.48
C GLU E 45 28.60 7.21 -8.18
N ILE E 46 28.30 7.98 -7.14
CA ILE E 46 28.97 7.75 -5.85
C ILE E 46 28.41 6.47 -5.19
N THR E 47 27.09 6.26 -5.24
CA THR E 47 26.45 5.11 -4.60
C THR E 47 26.28 3.90 -5.52
N ASN E 48 26.50 4.10 -6.82
CA ASN E 48 26.27 3.07 -7.84
C ASN E 48 24.82 2.58 -7.87
N GLU E 49 23.90 3.53 -7.96
CA GLU E 49 22.48 3.20 -8.03
C GLU E 49 21.82 3.93 -9.21
N VAL E 50 20.93 3.23 -9.90
CA VAL E 50 20.18 3.84 -10.95
C VAL E 50 18.70 3.55 -10.80
N ASP E 51 17.92 4.53 -11.21
CA ASP E 51 16.49 4.46 -11.20
C ASP E 51 16.05 4.34 -12.66
N VAL E 52 15.42 3.24 -13.00
CA VAL E 52 15.15 2.89 -14.39
C VAL E 52 13.67 2.58 -14.60
N VAL E 53 13.14 2.93 -15.78
CA VAL E 53 11.80 2.51 -16.21
C VAL E 53 11.93 1.63 -17.45
N PHE E 54 11.28 0.48 -17.45
CA PHE E 54 11.42 -0.43 -18.59
C PHE E 54 10.17 -1.26 -18.84
N TRP E 55 9.98 -1.69 -20.08
CA TRP E 55 8.95 -2.67 -20.39
C TRP E 55 9.54 -4.06 -20.27
N GLN E 56 8.99 -4.89 -19.38
CA GLN E 56 9.52 -6.25 -19.21
C GLN E 56 8.70 -7.24 -20.00
N GLN E 57 9.09 -7.42 -21.25
CA GLN E 57 8.42 -8.38 -22.12
C GLN E 57 8.70 -9.81 -21.65
N THR E 58 7.61 -10.49 -21.28
CA THR E 58 7.71 -11.84 -20.73
C THR E 58 6.75 -12.73 -21.50
N THR E 59 7.28 -13.80 -22.09
CA THR E 59 6.41 -14.69 -22.84
C THR E 59 6.69 -16.13 -22.49
N TRP E 60 5.64 -16.94 -22.56
CA TRP E 60 5.79 -18.37 -22.27
C TRP E 60 4.60 -19.14 -22.77
N SER E 61 4.66 -20.46 -22.70
CA SER E 61 3.51 -21.22 -23.16
C SER E 61 2.83 -21.97 -22.02
N ASP E 62 1.50 -21.98 -22.05
CA ASP E 62 0.70 -22.78 -21.13
C ASP E 62 -0.36 -23.46 -21.96
N ARG E 63 -0.10 -24.69 -22.35
CA ARG E 63 -0.97 -25.38 -23.30
C ARG E 63 -2.30 -25.77 -22.65
N THR E 64 -2.39 -25.62 -21.33
CA THR E 64 -3.62 -25.89 -20.63
C THR E 64 -4.67 -24.80 -20.90
N LEU E 65 -4.24 -23.70 -21.52
CA LEU E 65 -5.16 -22.58 -21.79
C LEU E 65 -5.72 -22.60 -23.21
N ALA E 66 -5.13 -23.43 -24.06
CA ALA E 66 -5.45 -23.40 -25.48
C ALA E 66 -6.92 -23.67 -25.75
N TRP E 67 -7.42 -23.11 -26.84
CA TRP E 67 -8.81 -23.32 -27.25
C TRP E 67 -8.92 -23.24 -28.77
N ASN E 68 -9.99 -23.79 -29.34
CA ASN E 68 -10.23 -23.65 -30.78
C ASN E 68 -10.90 -22.31 -31.14
N SER E 69 -10.19 -21.49 -31.90
CA SER E 69 -10.66 -20.15 -32.19
C SER E 69 -11.11 -20.02 -33.64
N SER E 70 -11.67 -21.09 -34.20
CA SER E 70 -12.01 -21.08 -35.63
C SER E 70 -12.92 -19.90 -35.95
N HIS E 71 -14.00 -19.76 -35.20
CA HIS E 71 -14.83 -18.56 -35.31
C HIS E 71 -15.09 -17.90 -33.95
N SER E 72 -13.98 -17.74 -33.22
CA SER E 72 -13.96 -17.11 -31.90
C SER E 72 -12.74 -16.18 -31.89
N PRO E 73 -12.63 -15.29 -30.88
CA PRO E 73 -11.40 -14.50 -30.86
C PRO E 73 -10.19 -15.39 -30.66
N ASP E 74 -9.05 -15.03 -31.25
CA ASP E 74 -7.86 -15.86 -31.13
C ASP E 74 -6.97 -15.33 -30.01
N GLN E 75 -7.39 -14.22 -29.42
CA GLN E 75 -6.62 -13.63 -28.33
C GLN E 75 -7.53 -12.94 -27.30
N VAL E 76 -7.15 -13.02 -26.03
CA VAL E 76 -7.86 -12.22 -25.01
C VAL E 76 -6.91 -11.59 -23.98
N SER E 77 -7.40 -10.54 -23.34
CA SER E 77 -6.69 -9.95 -22.21
C SER E 77 -7.26 -10.46 -20.87
N VAL E 78 -6.37 -10.84 -19.97
CA VAL E 78 -6.79 -11.50 -18.73
C VAL E 78 -6.00 -11.01 -17.54
N PRO E 79 -6.69 -10.76 -16.41
CA PRO E 79 -5.97 -10.38 -15.18
C PRO E 79 -4.93 -11.44 -14.87
N ILE E 80 -3.73 -11.02 -14.47
CA ILE E 80 -2.69 -11.98 -14.25
C ILE E 80 -3.00 -12.87 -13.06
N SER E 81 -3.96 -12.47 -12.23
CA SER E 81 -4.35 -13.27 -11.08
C SER E 81 -5.06 -14.53 -11.53
N SER E 82 -5.51 -14.54 -12.78
CA SER E 82 -6.18 -15.72 -13.32
C SER E 82 -5.23 -16.70 -13.98
N LEU E 83 -3.95 -16.35 -13.99
CA LEU E 83 -2.93 -17.12 -14.66
C LEU E 83 -1.73 -17.38 -13.80
N TRP E 84 -1.00 -18.43 -14.10
CA TRP E 84 0.36 -18.56 -13.60
C TRP E 84 1.25 -17.59 -14.37
N VAL E 85 2.12 -16.89 -13.64
CA VAL E 85 3.13 -16.04 -14.23
C VAL E 85 4.43 -16.46 -13.57
N PRO E 86 5.56 -16.37 -14.30
CA PRO E 86 6.86 -16.71 -13.74
C PRO E 86 7.27 -15.79 -12.60
N ASP E 87 7.88 -16.37 -11.57
CA ASP E 87 8.27 -15.61 -10.40
C ASP E 87 9.57 -14.86 -10.63
N LEU E 88 9.60 -14.06 -11.68
CA LEU E 88 10.82 -13.35 -12.04
C LEU E 88 11.18 -12.25 -11.06
N ALA E 89 12.47 -12.09 -10.85
CA ALA E 89 13.01 -11.05 -9.99
C ALA E 89 14.38 -10.67 -10.51
N ALA E 90 14.72 -9.40 -10.28
CA ALA E 90 16.04 -8.90 -10.53
C ALA E 90 16.92 -9.10 -9.30
N TYR E 91 18.04 -9.78 -9.51
CA TYR E 91 18.93 -10.21 -8.43
C TYR E 91 19.65 -9.05 -7.77
N ASN E 92 19.82 -7.95 -8.51
CA ASN E 92 20.49 -6.78 -7.97
C ASN E 92 19.57 -5.56 -7.77
N ALA E 93 18.27 -5.79 -7.82
CA ALA E 93 17.31 -4.73 -7.50
C ALA E 93 17.45 -4.35 -6.02
N ILE E 94 17.27 -3.07 -5.74
CA ILE E 94 17.35 -2.54 -4.38
C ILE E 94 16.05 -1.82 -4.03
N SER E 95 15.05 -1.93 -4.90
CA SER E 95 13.72 -1.44 -4.55
C SER E 95 12.67 -2.43 -5.05
N LYS E 96 11.46 -2.35 -4.50
CA LYS E 96 10.35 -3.13 -5.04
C LYS E 96 10.03 -2.62 -6.44
N PRO E 97 9.85 -3.53 -7.40
CA PRO E 97 9.41 -3.04 -8.71
C PRO E 97 8.06 -2.33 -8.63
N GLU E 98 8.00 -1.12 -9.16
CA GLU E 98 6.78 -0.32 -9.19
C GLU E 98 6.09 -0.52 -10.55
N VAL E 99 4.98 -1.25 -10.55
CA VAL E 99 4.27 -1.55 -11.78
C VAL E 99 3.39 -0.36 -12.13
N LEU E 100 3.57 0.19 -13.34
CA LEU E 100 2.91 1.42 -13.77
C LEU E 100 1.66 1.18 -14.62
N THR E 101 1.54 -0.03 -15.12
CA THR E 101 0.52 -0.35 -16.10
C THR E 101 -0.52 -1.32 -15.55
N PRO E 102 -1.70 -1.40 -16.19
CA PRO E 102 -2.66 -2.42 -15.80
C PRO E 102 -2.04 -3.82 -15.86
N GLN E 103 -2.26 -4.63 -14.83
CA GLN E 103 -1.62 -5.93 -14.71
C GLN E 103 -2.46 -6.97 -15.45
N LEU E 104 -2.39 -6.91 -16.79
CA LEU E 104 -3.12 -7.76 -17.72
C LEU E 104 -2.17 -8.48 -18.64
N ALA E 105 -2.44 -9.76 -18.88
CA ALA E 105 -1.66 -10.55 -19.82
C ALA E 105 -2.48 -10.79 -21.08
N ARG E 106 -1.78 -11.04 -22.17
CA ARG E 106 -2.42 -11.40 -23.42
C ARG E 106 -2.23 -12.89 -23.61
N VAL E 107 -3.33 -13.59 -23.86
CA VAL E 107 -3.28 -15.04 -24.05
C VAL E 107 -3.79 -15.38 -25.45
N VAL E 108 -2.99 -16.15 -26.18
CA VAL E 108 -3.35 -16.60 -27.54
C VAL E 108 -4.01 -17.98 -27.51
N SER E 109 -4.87 -18.27 -28.50
CA SER E 109 -5.64 -19.51 -28.51
C SER E 109 -4.75 -20.76 -28.51
N ASP E 110 -3.48 -20.61 -28.87
CA ASP E 110 -2.57 -21.75 -28.73
C ASP E 110 -1.91 -21.79 -27.37
N GLY E 111 -2.26 -20.86 -26.48
CA GLY E 111 -1.75 -20.96 -25.13
C GLY E 111 -0.47 -20.19 -24.88
N GLU E 112 -0.10 -19.36 -25.84
CA GLU E 112 1.06 -18.47 -25.71
C GLU E 112 0.65 -17.24 -24.90
N VAL E 113 1.47 -16.90 -23.91
CA VAL E 113 1.18 -15.78 -23.02
C VAL E 113 2.22 -14.67 -23.13
N LEU E 114 1.72 -13.45 -23.21
CA LEU E 114 2.53 -12.26 -23.18
C LEU E 114 2.10 -11.38 -22.00
N TYR E 115 3.06 -11.09 -21.15
CA TYR E 115 2.86 -10.18 -20.04
C TYR E 115 3.96 -9.16 -20.11
N MET E 116 3.60 -7.90 -20.31
CA MET E 116 4.61 -6.86 -20.34
C MET E 116 4.26 -5.68 -19.46
N PRO E 117 4.58 -5.81 -18.17
CA PRO E 117 4.43 -4.66 -17.27
C PRO E 117 5.47 -3.59 -17.57
N SER E 118 5.08 -2.34 -17.41
CA SER E 118 6.04 -1.25 -17.33
C SER E 118 6.44 -1.05 -15.90
N ILE E 119 7.73 -1.08 -15.64
CA ILE E 119 8.26 -1.14 -14.30
C ILE E 119 9.28 -0.06 -14.01
N ARG E 120 9.10 0.63 -12.88
CA ARG E 120 10.14 1.49 -12.40
C ARG E 120 10.80 0.81 -11.22
N GLN E 121 12.11 0.69 -11.31
CA GLN E 121 12.85 -0.02 -10.32
C GLN E 121 14.23 0.59 -10.17
N ARG E 122 14.77 0.49 -8.96
CA ARG E 122 16.07 1.03 -8.64
C ARG E 122 17.05 -0.12 -8.46
N PHE E 123 18.24 0.03 -9.03
CA PHE E 123 19.24 -1.01 -9.03
C PHE E 123 20.57 -0.56 -8.51
N SER E 124 21.30 -1.53 -7.98
CA SER E 124 22.72 -1.43 -7.65
C SER E 124 23.53 -2.00 -8.82
N CYS E 125 24.35 -1.16 -9.43
CA CYS E 125 25.16 -1.58 -10.57
C CYS E 125 26.23 -0.54 -10.91
N ASP E 126 27.12 -0.87 -11.83
CA ASP E 126 28.26 -0.01 -12.12
C ASP E 126 27.87 1.29 -12.88
N VAL E 127 27.94 2.40 -12.17
CA VAL E 127 27.55 3.69 -12.73
C VAL E 127 28.80 4.46 -13.17
N SER E 128 29.96 3.92 -12.85
CA SER E 128 31.23 4.56 -13.16
C SER E 128 31.37 4.82 -14.65
N GLY E 129 31.74 6.05 -15.00
CA GLY E 129 31.98 6.40 -16.38
C GLY E 129 30.78 7.05 -17.03
N VAL E 130 29.71 7.26 -16.27
CA VAL E 130 28.47 7.74 -16.86
C VAL E 130 28.62 9.15 -17.47
N ASP E 131 29.58 9.92 -16.97
CA ASP E 131 29.82 11.29 -17.44
C ASP E 131 30.87 11.38 -18.53
N THR E 132 31.29 10.24 -19.07
CA THR E 132 32.26 10.22 -20.16
C THR E 132 31.55 9.84 -21.45
N GLU E 133 32.31 9.57 -22.51
CA GLU E 133 31.69 9.28 -23.79
C GLU E 133 31.66 7.79 -24.07
N SER E 134 32.49 7.03 -23.37
CA SER E 134 32.32 5.58 -23.38
C SER E 134 31.08 5.21 -22.57
N GLY E 135 30.75 6.04 -21.58
CA GLY E 135 29.59 5.82 -20.73
C GLY E 135 29.76 4.76 -19.63
N ALA E 136 28.71 4.59 -18.83
CA ALA E 136 28.65 3.50 -17.85
C ALA E 136 27.94 2.31 -18.44
N THR E 137 28.23 1.13 -17.92
CA THR E 137 27.52 -0.06 -18.34
C THR E 137 26.92 -0.77 -17.11
N CYS E 138 25.60 -0.71 -17.00
CA CYS E 138 24.86 -1.28 -15.88
C CYS E 138 24.29 -2.66 -16.20
N ARG E 139 24.61 -3.65 -15.38
CA ARG E 139 24.13 -5.02 -15.64
C ARG E 139 23.02 -5.41 -14.68
N ILE E 140 21.90 -5.82 -15.26
CA ILE E 140 20.75 -6.28 -14.50
C ILE E 140 20.50 -7.75 -14.79
N LYS E 141 20.40 -8.56 -13.73
CA LYS E 141 20.12 -9.99 -13.90
C LYS E 141 18.69 -10.28 -13.47
N ILE E 142 17.90 -10.86 -14.38
CA ILE E 142 16.51 -11.19 -14.06
C ILE E 142 16.35 -12.68 -14.25
N GLY E 143 15.82 -13.37 -13.23
CA GLY E 143 15.60 -14.79 -13.33
C GLY E 143 14.50 -15.23 -12.38
N SER E 144 14.11 -16.50 -12.47
CA SER E 144 13.12 -17.04 -11.54
C SER E 144 13.71 -16.95 -10.14
N TRP E 145 12.89 -16.62 -9.15
CA TRP E 145 13.41 -16.52 -7.80
C TRP E 145 13.54 -17.89 -7.10
N THR E 146 12.61 -18.81 -7.37
CA THR E 146 12.54 -20.10 -6.65
C THR E 146 12.55 -21.34 -7.54
N HIS E 147 12.50 -21.15 -8.87
CA HIS E 147 12.48 -22.29 -9.80
C HIS E 147 13.82 -22.49 -10.51
N HIS E 148 14.45 -23.66 -10.36
CA HIS E 148 15.73 -23.92 -11.03
C HIS E 148 15.53 -24.24 -12.51
N SER E 149 16.63 -24.54 -13.19
CA SER E 149 16.64 -24.61 -14.65
C SER E 149 15.81 -25.74 -15.25
N ARG E 150 15.51 -26.79 -14.50
CA ARG E 150 14.67 -27.87 -15.02
C ARG E 150 13.19 -27.52 -14.89
N GLU E 151 12.91 -26.44 -14.17
CA GLU E 151 11.55 -25.99 -13.98
C GLU E 151 11.34 -24.73 -14.82
N ILE E 152 12.30 -23.82 -14.76
CA ILE E 152 12.22 -22.64 -15.61
C ILE E 152 13.53 -22.41 -16.33
N SER E 153 13.46 -22.29 -17.65
CA SER E 153 14.59 -21.83 -18.42
C SER E 153 14.31 -20.39 -18.85
N VAL E 154 15.37 -19.57 -18.92
CA VAL E 154 15.18 -18.17 -19.22
C VAL E 154 16.01 -17.78 -20.44
N ASP E 155 15.37 -17.28 -21.50
CA ASP E 155 16.11 -16.86 -22.70
C ASP E 155 15.77 -15.43 -23.07
N PRO E 156 16.75 -14.71 -23.63
CA PRO E 156 16.41 -13.41 -24.22
C PRO E 156 15.57 -13.62 -25.48
N THR E 157 14.78 -12.62 -25.86
CA THR E 157 14.03 -12.72 -27.10
C THR E 157 14.93 -12.43 -28.29
N SER E 161 18.87 -5.23 -29.89
CA SER E 161 18.15 -4.01 -30.22
C SER E 161 18.73 -2.83 -29.44
N ASP E 162 18.36 -1.62 -29.86
CA ASP E 162 18.73 -0.40 -29.16
C ASP E 162 17.65 -0.05 -28.16
N ASP E 163 16.41 -0.37 -28.55
CA ASP E 163 15.26 -0.20 -27.68
C ASP E 163 15.08 1.28 -27.41
N SER E 164 15.76 2.08 -28.22
CA SER E 164 15.77 3.52 -28.06
C SER E 164 14.59 3.94 -28.89
N GLU E 165 13.96 2.91 -29.46
CA GLU E 165 12.78 3.05 -30.28
C GLU E 165 11.66 3.44 -29.31
N TYR E 166 11.84 3.04 -28.05
CA TYR E 166 10.85 3.37 -27.04
C TYR E 166 11.46 4.26 -25.99
N PHE E 167 12.79 4.39 -26.00
CA PHE E 167 13.46 5.18 -24.98
C PHE E 167 13.09 6.64 -25.07
N SER E 168 12.89 7.28 -23.92
CA SER E 168 12.46 8.68 -23.88
C SER E 168 13.54 9.66 -24.40
N GLN E 169 13.14 10.61 -25.25
CA GLN E 169 14.07 11.61 -25.74
C GLN E 169 14.31 12.71 -24.71
N TYR E 170 13.54 12.73 -23.63
CA TYR E 170 13.65 13.82 -22.67
C TYR E 170 14.44 13.46 -21.43
N SER E 171 14.99 12.25 -21.42
CA SER E 171 15.89 11.82 -20.36
C SER E 171 17.17 12.65 -20.43
N ARG E 172 17.87 12.75 -19.31
CA ARG E 172 19.17 13.41 -19.22
C ARG E 172 20.26 12.51 -19.77
N PHE E 173 19.85 11.28 -20.07
CA PHE E 173 20.78 10.22 -20.47
C PHE E 173 20.35 9.64 -21.79
N GLU E 174 21.30 8.97 -22.44
CA GLU E 174 21.05 8.32 -23.71
C GLU E 174 21.65 6.93 -23.71
N ILE E 175 21.09 6.05 -24.51
CA ILE E 175 21.53 4.67 -24.53
C ILE E 175 22.47 4.39 -25.69
N LEU E 176 23.67 3.94 -25.36
CA LEU E 176 24.68 3.68 -26.37
C LEU E 176 24.57 2.25 -26.88
N ASP E 177 24.22 1.31 -26.00
CA ASP E 177 23.98 -0.05 -26.46
C ASP E 177 23.25 -0.90 -25.41
N VAL E 178 22.45 -1.85 -25.87
CA VAL E 178 21.86 -2.82 -24.95
C VAL E 178 22.12 -4.21 -25.44
N THR E 179 22.80 -5.01 -24.63
CA THR E 179 22.98 -6.41 -24.98
C THR E 179 22.29 -7.31 -23.97
N GLN E 180 21.62 -8.34 -24.45
CA GLN E 180 20.94 -9.27 -23.56
C GLN E 180 21.49 -10.66 -23.79
N LYS E 181 22.18 -11.17 -22.76
CA LYS E 181 22.88 -12.43 -22.86
C LYS E 181 22.28 -13.40 -21.88
N LYS E 182 22.30 -14.68 -22.21
CA LYS E 182 21.70 -15.63 -21.29
C LYS E 182 22.79 -16.16 -20.37
N ASN E 183 22.45 -16.27 -19.08
CA ASN E 183 23.36 -16.82 -18.09
C ASN E 183 22.62 -17.82 -17.19
N SER E 184 23.38 -18.58 -16.40
CA SER E 184 22.82 -19.53 -15.46
C SER E 184 23.79 -19.77 -14.32
N VAL E 185 23.49 -19.25 -13.14
CA VAL E 185 24.48 -19.22 -12.06
C VAL E 185 24.15 -20.12 -10.85
N THR E 186 25.21 -20.71 -10.30
CA THR E 186 25.13 -21.66 -9.21
C THR E 186 25.65 -21.09 -7.89
N TYR E 187 25.17 -21.62 -6.78
CA TYR E 187 25.55 -21.09 -5.48
C TYR E 187 26.19 -22.24 -4.72
N SER E 188 26.97 -21.90 -3.70
CA SER E 188 27.69 -22.86 -2.87
C SER E 188 26.81 -23.92 -2.25
N CYS E 189 25.83 -23.46 -1.47
CA CYS E 189 24.98 -24.32 -0.66
C CYS E 189 24.26 -25.42 -1.45
N CYS E 190 23.91 -25.11 -2.70
CA CYS E 190 22.89 -25.87 -3.40
C CYS E 190 23.40 -26.44 -4.72
N PRO E 191 22.91 -27.64 -5.08
CA PRO E 191 23.39 -28.39 -6.23
C PRO E 191 22.90 -27.90 -7.58
N GLU E 192 21.95 -26.97 -7.62
CA GLU E 192 21.40 -26.54 -8.90
C GLU E 192 21.74 -25.10 -9.28
N ALA E 193 21.62 -24.82 -10.57
CA ALA E 193 21.86 -23.50 -11.12
C ALA E 193 20.54 -22.83 -11.46
N TYR E 194 20.52 -21.51 -11.35
CA TYR E 194 19.33 -20.75 -11.73
C TYR E 194 19.59 -19.91 -12.95
N GLU E 195 18.71 -20.02 -13.94
CA GLU E 195 18.93 -19.31 -15.18
C GLU E 195 18.42 -17.89 -15.07
N ASP E 196 19.12 -17.00 -15.76
CA ASP E 196 18.72 -15.62 -15.82
C ASP E 196 19.09 -15.01 -17.17
N VAL E 197 18.50 -13.85 -17.45
CA VAL E 197 18.95 -13.01 -18.54
C VAL E 197 19.69 -11.84 -17.92
N GLU E 198 20.90 -11.62 -18.42
CA GLU E 198 21.73 -10.51 -18.01
C GLU E 198 21.63 -9.42 -19.10
N VAL E 199 21.16 -8.25 -18.67
CA VAL E 199 20.90 -7.10 -19.53
C VAL E 199 21.93 -6.04 -19.28
N SER E 200 22.65 -5.74 -20.35
CA SER E 200 23.74 -4.80 -20.32
C SER E 200 23.32 -3.45 -20.91
N LEU E 201 23.23 -2.45 -20.04
CA LEU E 201 22.86 -1.11 -20.48
C LEU E 201 24.06 -0.18 -20.50
N ASN E 202 24.57 0.09 -21.71
CA ASN E 202 25.66 1.04 -21.90
C ASN E 202 24.99 2.37 -22.22
N PHE E 203 25.12 3.32 -21.30
CA PHE E 203 24.42 4.60 -21.32
C PHE E 203 25.28 5.71 -20.75
N ARG E 204 25.02 6.96 -21.16
CA ARG E 204 25.78 8.10 -20.63
C ARG E 204 24.93 9.36 -20.50
N LYS E 205 25.45 10.31 -19.72
CA LYS E 205 24.78 11.58 -19.59
C LYS E 205 24.92 12.38 -20.90
N LYS E 206 23.82 12.98 -21.34
CA LYS E 206 23.80 13.83 -22.54
C LYS E 206 24.60 15.10 -22.37
CAA 8L3 F . 9.32 -8.69 21.78
CAC 8L3 F . 10.08 -11.27 22.88
CAD 8L3 F . 9.01 -11.42 22.32
CAE 8L3 F . 8.54 -9.99 23.12
CAF 8L3 F . 7.07 -9.82 22.67
CAH 8L3 F . 4.99 -10.83 22.69
CAI 8L3 F . 4.04 -11.72 23.17
CAJ 8L3 F . 2.74 -11.65 22.70
CAK 8L3 F . 2.36 -10.67 21.77
CAM 8L3 F . 4.63 -9.83 21.80
CAN 8L3 F . 8.52 -10.00 24.70
CAO 8L3 F . 7.93 -8.95 25.45
CAP 8L3 F . 8.57 -7.79 25.91
CAQ 8L3 F . 7.92 -6.81 26.64
CAR 8L3 F . 6.59 -6.99 26.97
CAT 8L3 F . 5.94 -8.14 26.55
CAV 8L3 F . 6.61 -9.11 25.82
CAW 8L3 F . 9.39 -8.52 23.00
NAB 8L3 F . 10.14 -9.95 22.04
NAL 8L3 F . 3.32 -9.76 21.29
OAG 8L3 F . 6.26 -10.88 23.18
CLS 8L3 F . 5.73 -5.80 27.89
CLU 8L3 F . 4.32 -8.42 26.94
CAA 8L3 G . 18.49 -15.82 -5.24
CAC 8L3 G . 17.38 -17.23 -6.88
CAD 8L3 G . 18.25 -18.41 -6.49
CAE 8L3 G . 18.63 -18.27 -5.05
CAF 8L3 G . 17.34 -18.26 -4.20
CAH 8L3 G . 15.49 -19.71 -3.75
CAI 8L3 G . 14.89 -20.95 -3.87
CAJ 8L3 G . 13.70 -21.23 -3.22
CAK 8L3 G . 13.11 -20.25 -2.42
CAM 8L3 G . 14.92 -18.74 -2.94
CAN 8L3 G . 19.50 -19.46 -4.65
CAO 8L3 G . 19.94 -19.53 -3.33
CAP 8L3 G . 21.11 -18.91 -2.90
CAQ 8L3 G . 21.51 -19.02 -1.57
CAR 8L3 G . 20.75 -19.78 -0.71
CAT 8L3 G . 19.59 -20.43 -1.13
CAV 8L3 G . 19.19 -20.31 -2.44
CAW 8L3 G . 19.38 -16.97 -4.85
NAB 8L3 G . 18.10 -15.96 -6.66
NAL 8L3 G . 13.70 -19.01 -2.28
OAG 8L3 G . 16.68 -19.51 -4.39
CLS 8L3 G . 21.17 -19.97 0.92
CLU 8L3 G . 18.66 -21.36 -0.01
CAA 8L3 H . -11.89 11.62 19.90
CAC 8L3 H . -12.99 9.92 21.21
CAD 8L3 H . -14.17 10.83 21.47
CAE 8L3 H . -14.33 11.78 20.30
CAF 8L3 H . -14.62 11.00 18.99
CAH 8L3 H . -16.33 9.67 18.01
CAI 8L3 H . -17.57 9.05 18.05
CAJ 8L3 H . -18.11 8.41 16.93
CAK 8L3 H . -17.41 8.39 15.74
CAM 8L3 H . -15.64 9.69 16.79
CAN 8L3 H . -15.51 12.71 20.55
CAO 8L3 H . -15.89 13.69 19.61
CAP 8L3 H . -15.26 14.93 19.55
CAQ 8L3 H . -15.69 15.90 18.64
CAR 8L3 H . -16.77 15.64 17.82
CAT 8L3 H . -17.44 14.41 17.90
CAV 8L3 H . -16.99 13.45 18.81
CAW 8L3 H . -13.05 12.58 20.14
NAB 8L3 H . -11.76 10.69 21.05
NAL 8L3 H . -16.18 9.02 15.67
OAG 8L3 H . -15.86 10.31 19.13
CLS 8L3 H . -17.26 16.85 16.73
CLU 8L3 H . -18.82 14.01 16.90
CAA 8L3 I . -16.01 17.27 -9.61
CAC 8L3 I . -18.11 16.56 -8.65
CAD 8L3 I . -18.84 16.85 -9.95
CAE 8L3 I . -17.89 16.64 -11.10
CAF 8L3 I . -17.46 15.18 -11.14
CAH 8L3 I . -18.47 13.12 -11.70
CAI 8L3 I . -19.56 12.34 -12.10
CAJ 8L3 I . -19.39 11.00 -12.40
CAK 8L3 I . -18.14 10.41 -12.33
CAM 8L3 I . -17.20 12.54 -11.66
CAN 8L3 I . -18.61 16.93 -12.42
CAO 8L3 I . -17.96 16.77 -13.65
CAP 8L3 I . -18.29 15.67 -14.46
CAQ 8L3 I . -17.69 15.52 -15.71
CAR 8L3 I . -16.77 16.48 -16.16
CAT 8L3 I . -16.46 17.56 -15.37
CAV 8L3 I . -17.08 17.73 -14.13
CAW 8L3 I . -16.68 17.58 -10.91
NAB 8L3 I . -16.95 17.46 -8.49
NAL 8L3 I . -17.05 11.17 -11.95
OAG 8L3 I . -18.66 14.45 -11.45
CLS 8L3 I . -15.98 16.33 -17.75
CLU 8L3 I . -15.32 18.75 -15.93
CAA 8L3 J . 2.36 0.05 -25.08
CAC 8L3 J . 0.11 -0.41 -25.89
CAD 8L3 J . 0.68 -1.16 -27.08
CAE 8L3 J . 2.01 -1.80 -26.69
CAF 8L3 J . 1.90 -2.82 -25.53
CAH 8L3 J . 0.90 -5.02 -25.11
CAI 8L3 J . 0.21 -6.11 -25.62
CAJ 8L3 J . -0.07 -7.22 -24.83
CAK 8L3 J . 0.35 -7.24 -23.49
CAM 8L3 J . 1.35 -5.03 -23.79
CAN 8L3 J . 2.59 -2.56 -27.89
CAO 8L3 J . 3.84 -3.17 -27.73
CAP 8L3 J . 5.05 -2.46 -27.80
CAQ 8L3 J . 6.26 -3.13 -27.64
CAR 8L3 J . 6.25 -4.51 -27.44
CAT 8L3 J . 5.06 -5.21 -27.39
CAV 8L3 J . 3.85 -4.55 -27.54
CAW 8L3 J . 2.95 -0.69 -26.24
NAB 8L3 J . 1.05 0.64 -25.46
NAL 8L3 J . 1.06 -6.14 -22.97
OAG 8L3 J . 1.14 -3.98 -25.95
CLS 8L3 J . 7.74 -5.32 -27.26
CLU 8L3 J . 5.01 -6.92 -27.17
#